data_6C9G
#
_entry.id   6C9G
#
_cell.length_a   122.986
_cell.length_b   122.986
_cell.length_c   406.048
_cell.angle_alpha   90.00
_cell.angle_beta   90.00
_cell.angle_gamma   120.00
#
_symmetry.space_group_name_H-M   'P 61 2 2'
#
loop_
_entity.id
_entity.type
_entity.pdbx_description
1 polymer "5'-AMP-activated protein kinase catalytic subunit alpha-1,5'-AMP-activated protein kinase catalytic subunit alpha-1"
2 polymer "5'-AMP-activated protein kinase subunit beta-1"
3 polymer "5'-AMP-activated protein kinase subunit gamma-1"
4 non-polymer "5-{[6-chloro-5-(2'-hydroxy[1,1'-biphenyl]-4-yl)-1H-benzimidazol-2-yl]oxy}-N-hydroxy-2-methylbenzamide"
5 non-polymer STAUROSPORINE
6 non-polymer 'ADENOSINE MONOPHOSPHATE'
7 water water
#
loop_
_entity_poly.entity_id
_entity_poly.type
_entity_poly.pdbx_seq_one_letter_code
_entity_poly.pdbx_strand_id
1 'polypeptide(L)'
;MGHHHHHHGSVKIGHYILGDTLGVGTFGKVKVGKHELTGHKVAVKILNRQKIRSLDVVGKIRREIQNLKLFRHPHIIKLY
QVISTPSDIFMVMEYVSGGELFDYICKNGRLDEKESRRLFQQILSGVDYCHRHMVVHRDLKPENVLLDAHMNAKIADFGL
SNMMSDGEFLR(TPO)SCGSPNYAAPEVISGRLYAGPEVDIWSSGVILYALLCGTLPFDDDHVPTLFKKICDGIFYTPQY
LNPSVISLLKHMLQVDPMKRATIKDIREHEWFKQDLPKYLFPEDPSYSSTMIDDEALKEVCEKFECSEEEVLSCLYNRNH
QDPLAVAYHLIIDNRRIMNEAKDFYLATSPPDSFLDDHHLTRPHPERVPFLVAETPRARHTLDELNPQKSKHQGVRKAKW
HLGIRSQSRPNDIMAEVCRAIKQLDYEWKVVNPYYLRVRRKNPVTSTYSKMSLQLYQVDSRTYLLDFRSIDDELTPRPGS
HTIEFFEMCANLIKILAQ
;
A
2 'polypeptide(L)'
;MEVNDKAPAQARPTVFRWTGGGKEVYLSGSFNNWSKLPLTRDHNNFVAILDLPEGEHQYKFFVDGQWTHDPSEPIVTSQL
GTVNNIIQVKKTDFEVFDALMVDSQKCSDVSELSSSPPGPYHQEPYVCKPEERFRAPPILPPHLLQVILNKDTGISCDPA
LLPEPNHVMLNHLYALSIKDGVMVLSATHRYKKKYVTTLLYKPI
;
B
3 'polypeptide(L)'
;METVISSDSSPAVENEHPQETPESNNSVYTSFMKSHRCYDLIPTSSKLVVFDTSLQVKKAFFALVTNGVRAAPLWDSKKQ
SFVGMLTITDFINILHRYYKSALVQIYELEEHKIETWREVYLQDSFKPLVCISPNASLFDAVSSLIRNKIHRLPVIDPES
GNTLYILTHKRILKFLKLFITEFPKPEFMSKSLEELQIGTYANIAMVRTTTPVYVALGIFVQHRVSALPVVDEKGRVVDI
YSKFDVINLAAEKTYNNLDVSVTKALQHRSHYFEGVLKCYLHETLETIINRLVEAEVHRLVVVDENDVVKGIVSLSDILQ
ALVLTGGEKKP
;
C
#
loop_
_chem_comp.id
_chem_comp.type
_chem_comp.name
_chem_comp.formula
AMP non-polymer 'ADENOSINE MONOPHOSPHATE' 'C10 H14 N5 O7 P'
R93 non-polymer 5-{[6-chloro-5-(2'-hydroxy[1,1'-biphenyl]-4-yl)-1H-benzimidazol-2-yl]oxy}-N-hydroxy-2-methylbenzamide 'C27 H20 Cl N3 O4'
STU non-polymer STAUROSPORINE 'C28 H26 N4 O3'
#
# COMPACT_ATOMS: atom_id res chain seq x y z
N GLY A 9 51.84 10.87 7.25
CA GLY A 9 50.60 11.31 6.64
C GLY A 9 49.41 11.06 7.54
N SER A 10 48.35 11.85 7.34
CA SER A 10 47.13 11.68 8.13
C SER A 10 46.22 10.61 7.54
N VAL A 11 45.16 10.29 8.28
CA VAL A 11 44.17 9.36 7.78
C VAL A 11 43.18 10.19 6.99
N LYS A 12 43.07 9.88 5.70
CA LYS A 12 42.31 10.74 4.80
C LYS A 12 41.46 9.90 3.86
N ILE A 13 40.17 10.22 3.82
CA ILE A 13 39.26 9.54 2.91
C ILE A 13 38.38 10.57 2.21
N GLY A 14 38.25 10.44 0.89
CA GLY A 14 37.48 11.37 0.09
C GLY A 14 37.79 12.83 0.37
N HIS A 15 39.07 13.12 0.57
CA HIS A 15 39.59 14.48 0.86
C HIS A 15 39.29 14.95 2.29
N TYR A 16 38.62 14.12 3.07
CA TYR A 16 38.39 14.45 4.48
C TYR A 16 39.42 13.80 5.43
N ILE A 17 39.98 14.61 6.31
CA ILE A 17 40.98 14.15 7.25
C ILE A 17 40.33 13.61 8.52
N LEU A 18 40.56 12.34 8.83
CA LEU A 18 39.88 11.68 9.94
C LEU A 18 40.43 12.12 11.29
N GLY A 19 39.54 12.66 12.11
CA GLY A 19 39.82 13.17 13.44
C GLY A 19 39.36 12.31 14.59
N ASP A 20 38.90 12.97 15.64
CA ASP A 20 38.41 12.32 16.87
C ASP A 20 37.21 11.40 16.71
N THR A 21 37.15 10.37 17.55
CA THR A 21 36.01 9.46 17.55
C THR A 21 34.80 10.12 18.21
N LEU A 22 33.67 10.13 17.51
CA LEU A 22 32.43 10.67 18.08
C LEU A 22 31.71 9.65 18.96
N GLY A 23 31.83 8.37 18.61
CA GLY A 23 31.14 7.31 19.32
C GLY A 23 31.28 5.99 18.59
N VAL A 24 30.61 4.95 19.07
CA VAL A 24 30.68 3.65 18.42
C VAL A 24 29.32 3.19 17.89
N GLY A 25 29.27 2.87 16.61
CA GLY A 25 28.03 2.43 15.98
C GLY A 25 27.86 0.92 16.09
N THR A 26 26.79 0.40 15.50
CA THR A 26 26.61 -1.05 15.44
C THR A 26 27.83 -1.67 14.81
N PHE A 27 28.32 -1.02 13.74
CA PHE A 27 29.56 -1.43 13.12
C PHE A 27 30.64 -0.37 13.24
N GLY A 28 31.83 -0.81 13.61
CA GLY A 28 32.98 0.06 13.63
C GLY A 28 32.81 1.23 14.58
N LYS A 29 33.38 2.36 14.19
CA LYS A 29 33.29 3.55 14.99
C LYS A 29 32.94 4.73 14.08
N VAL A 30 32.25 5.72 14.64
CA VAL A 30 32.00 6.96 13.93
C VAL A 30 33.05 8.01 14.29
N LYS A 31 33.68 8.58 13.27
CA LYS A 31 34.71 9.61 13.49
C LYS A 31 34.38 10.91 12.78
N VAL A 32 34.89 12.00 13.33
CA VAL A 32 34.74 13.30 12.69
C VAL A 32 35.74 13.36 11.55
N GLY A 33 35.48 14.20 10.55
CA GLY A 33 36.42 14.35 9.47
C GLY A 33 36.36 15.78 8.98
N LYS A 34 37.46 16.24 8.40
CA LYS A 34 37.60 17.65 8.07
C LYS A 34 38.24 17.82 6.71
N HIS A 35 37.57 18.55 5.83
CA HIS A 35 38.03 18.67 4.44
C HIS A 35 39.35 19.43 4.37
N GLU A 36 40.30 18.90 3.63
CA GLU A 36 41.67 19.44 3.60
C GLU A 36 41.72 20.84 2.99
N LEU A 37 40.75 21.19 2.16
CA LEU A 37 40.69 22.51 1.55
C LEU A 37 39.74 23.46 2.28
N THR A 38 38.46 23.10 2.35
CA THR A 38 37.44 23.99 2.92
C THR A 38 37.29 23.96 4.44
N GLY A 39 37.76 22.90 5.08
CA GLY A 39 37.58 22.75 6.51
C GLY A 39 36.17 22.31 6.90
N HIS A 40 35.39 21.88 5.90
CA HIS A 40 34.06 21.33 6.14
C HIS A 40 34.11 20.08 7.01
N LYS A 41 33.22 20.01 7.99
CA LYS A 41 33.16 18.84 8.88
C LYS A 41 32.09 17.83 8.50
N VAL A 42 32.43 16.55 8.60
CA VAL A 42 31.47 15.46 8.36
C VAL A 42 31.60 14.40 9.44
N ALA A 43 30.64 13.49 9.48
CA ALA A 43 30.73 12.36 10.39
C ALA A 43 30.92 11.09 9.57
N VAL A 44 31.99 10.36 9.85
CA VAL A 44 32.31 9.19 9.05
C VAL A 44 32.10 7.93 9.85
N LYS A 45 31.16 7.12 9.39
CA LYS A 45 30.86 5.85 10.03
C LYS A 45 31.67 4.78 9.30
N ILE A 46 32.51 4.08 10.05
CA ILE A 46 33.35 3.05 9.49
C ILE A 46 32.73 1.67 9.68
N LEU A 47 32.46 0.98 8.58
CA LEU A 47 31.90 -0.38 8.66
C LEU A 47 32.94 -1.37 8.15
N ASN A 48 33.44 -2.23 9.05
CA ASN A 48 34.40 -3.26 8.69
C ASN A 48 33.72 -4.40 7.96
N ARG A 49 34.21 -4.72 6.77
CA ARG A 49 33.55 -5.68 5.91
C ARG A 49 33.58 -7.12 6.47
N GLN A 50 34.65 -7.47 7.19
CA GLN A 50 34.72 -8.81 7.77
C GLN A 50 33.84 -8.92 9.02
N LYS A 51 33.55 -7.79 9.63
CA LYS A 51 32.63 -7.77 10.77
C LYS A 51 31.17 -7.88 10.31
N ILE A 52 30.80 -7.16 9.25
CA ILE A 52 29.44 -7.24 8.74
C ILE A 52 29.20 -8.62 8.12
N ARG A 53 30.28 -9.33 7.81
CA ARG A 53 30.17 -10.70 7.32
C ARG A 53 29.95 -11.67 8.47
N SER A 54 30.57 -11.40 9.63
CA SER A 54 30.52 -12.27 10.80
C SER A 54 29.11 -12.53 11.30
N LEU A 55 28.40 -11.45 11.63
CA LEU A 55 26.95 -11.49 11.78
C LEU A 55 26.40 -11.07 10.44
N ASP A 56 25.60 -11.90 9.78
CA ASP A 56 25.38 -11.60 8.37
C ASP A 56 24.22 -10.61 8.26
N VAL A 57 24.65 -9.36 8.16
CA VAL A 57 23.81 -8.21 7.95
C VAL A 57 24.03 -7.56 6.59
N VAL A 58 24.88 -8.18 5.76
CA VAL A 58 25.33 -7.56 4.52
C VAL A 58 24.17 -6.98 3.69
N GLY A 59 23.09 -7.74 3.57
CA GLY A 59 21.92 -7.26 2.83
C GLY A 59 21.21 -6.18 3.61
N LYS A 60 21.18 -6.35 4.92
CA LYS A 60 20.56 -5.39 5.82
C LYS A 60 21.32 -4.06 5.79
N ILE A 61 22.62 -4.14 5.57
CA ILE A 61 23.45 -2.96 5.39
C ILE A 61 23.23 -2.32 4.02
N ARG A 62 23.06 -3.15 3.00
CA ARG A 62 22.90 -2.63 1.64
C ARG A 62 21.57 -1.91 1.52
N ARG A 63 20.55 -2.40 2.23
CA ARG A 63 19.23 -1.76 2.11
C ARG A 63 19.19 -0.45 2.92
N GLU A 64 19.87 -0.43 4.06
CA GLU A 64 19.99 0.80 4.85
C GLU A 64 20.70 1.88 4.03
N ILE A 65 21.69 1.49 3.24
CA ILE A 65 22.44 2.45 2.43
C ILE A 65 21.58 2.99 1.29
N GLN A 66 20.87 2.09 0.62
CA GLN A 66 19.94 2.49 -0.43
C GLN A 66 18.89 3.48 0.05
N ASN A 67 18.23 3.16 1.17
CA ASN A 67 17.19 4.02 1.71
C ASN A 67 17.71 5.37 2.19
N LEU A 68 18.72 5.35 3.05
CA LEU A 68 19.22 6.58 3.65
C LEU A 68 19.78 7.52 2.57
N LYS A 69 20.25 6.94 1.46
CA LYS A 69 20.84 7.71 0.38
C LYS A 69 19.82 8.65 -0.26
N LEU A 70 18.59 8.15 -0.36
CA LEU A 70 17.49 8.92 -0.95
C LEU A 70 16.92 9.97 -0.01
N PHE A 71 17.02 9.74 1.30
CA PHE A 71 16.40 10.62 2.30
C PHE A 71 16.91 12.05 2.22
N ARG A 72 15.99 13.00 2.07
CA ARG A 72 16.37 14.40 2.19
C ARG A 72 15.37 15.15 3.10
N HIS A 73 15.77 15.40 4.33
CA HIS A 73 14.94 16.08 5.32
C HIS A 73 15.83 16.87 6.26
N PRO A 74 15.36 18.04 6.70
CA PRO A 74 16.22 18.87 7.57
C PRO A 74 16.48 18.28 8.95
N HIS A 75 15.55 17.47 9.45
CA HIS A 75 15.69 16.88 10.79
C HIS A 75 16.14 15.41 10.81
N ILE A 76 16.53 14.89 9.66
CA ILE A 76 17.24 13.61 9.60
C ILE A 76 18.69 13.83 9.13
N ILE A 77 19.65 13.20 9.80
CA ILE A 77 21.05 13.24 9.37
C ILE A 77 21.21 12.74 7.93
N LYS A 78 21.81 13.56 7.08
CA LYS A 78 21.97 13.23 5.67
C LYS A 78 23.19 12.34 5.40
N LEU A 79 23.02 11.40 4.48
CA LEU A 79 24.11 10.57 4.01
C LEU A 79 24.63 11.13 2.70
N TYR A 80 25.81 11.74 2.74
CA TYR A 80 26.39 12.40 1.58
C TYR A 80 26.96 11.40 0.57
N GLN A 81 27.80 10.50 1.05
CA GLN A 81 28.46 9.53 0.17
C GLN A 81 28.84 8.26 0.92
N VAL A 82 28.80 7.14 0.22
CA VAL A 82 29.36 5.91 0.74
C VAL A 82 30.62 5.50 -0.04
N ILE A 83 31.75 5.42 0.65
CA ILE A 83 33.02 5.08 0.00
C ILE A 83 33.49 3.69 0.38
N SER A 84 33.75 2.87 -0.64
CA SER A 84 34.12 1.48 -0.43
C SER A 84 35.63 1.26 -0.59
N THR A 85 36.16 0.36 0.23
CA THR A 85 37.56 -0.06 0.19
C THR A 85 37.59 -1.58 0.35
N PRO A 86 38.73 -2.24 0.05
CA PRO A 86 38.83 -3.70 0.26
C PRO A 86 38.43 -4.18 1.66
N SER A 87 38.94 -3.50 2.68
CA SER A 87 38.64 -3.83 4.07
C SER A 87 37.36 -3.21 4.65
N ASP A 88 37.02 -2.00 4.19
CA ASP A 88 36.05 -1.20 4.93
C ASP A 88 35.08 -0.41 4.07
N ILE A 89 33.93 -0.11 4.66
CA ILE A 89 32.94 0.77 4.04
C ILE A 89 32.87 2.06 4.85
N PHE A 90 33.05 3.19 4.18
CA PHE A 90 32.97 4.47 4.85
C PHE A 90 31.71 5.24 4.47
N MET A 91 30.88 5.53 5.46
CA MET A 91 29.68 6.34 5.27
C MET A 91 29.92 7.77 5.70
N VAL A 92 29.97 8.67 4.73
CA VAL A 92 30.17 10.08 5.04
C VAL A 92 28.83 10.76 5.25
N MET A 93 28.62 11.29 6.45
CA MET A 93 27.33 11.83 6.86
C MET A 93 27.48 13.26 7.33
N GLU A 94 26.37 13.99 7.40
CA GLU A 94 26.44 15.37 7.86
C GLU A 94 26.83 15.38 9.33
N TYR A 95 27.57 16.40 9.71
CA TYR A 95 28.02 16.56 11.08
C TYR A 95 27.28 17.68 11.80
N VAL A 96 26.82 17.40 13.01
CA VAL A 96 26.19 18.43 13.82
C VAL A 96 26.94 18.57 15.14
N SER A 97 27.30 19.80 15.50
CA SER A 97 28.23 20.04 16.60
C SER A 97 27.63 19.99 18.00
N GLY A 98 26.30 20.08 18.11
CA GLY A 98 25.66 20.13 19.41
C GLY A 98 25.62 18.82 20.20
N GLY A 99 25.83 17.71 19.50
CA GLY A 99 25.86 16.44 20.19
C GLY A 99 24.52 15.88 20.54
N GLU A 100 24.52 14.89 21.43
CA GLU A 100 23.27 14.22 21.80
C GLU A 100 22.34 15.15 22.54
N LEU A 101 21.06 15.04 22.21
CA LEU A 101 19.99 15.68 22.97
C LEU A 101 20.03 15.21 24.42
N PHE A 102 20.28 13.91 24.62
CA PHE A 102 20.42 13.33 25.95
C PHE A 102 21.39 14.12 26.80
N ASP A 103 22.60 14.36 26.30
CA ASP A 103 23.60 15.14 27.03
C ASP A 103 23.08 16.53 27.33
N TYR A 104 22.35 17.10 26.38
CA TYR A 104 21.82 18.45 26.53
C TYR A 104 20.84 18.54 27.71
N ILE A 105 19.90 17.60 27.77
CA ILE A 105 18.97 17.53 28.88
C ILE A 105 19.67 17.25 30.22
N CYS A 106 20.70 16.40 30.21
CA CYS A 106 21.47 16.13 31.42
C CYS A 106 22.11 17.39 32.00
N LYS A 107 22.73 18.16 31.12
CA LYS A 107 23.43 19.37 31.53
C LYS A 107 22.47 20.53 31.86
N ASN A 108 21.48 20.77 31.00
CA ASN A 108 20.60 21.93 31.18
C ASN A 108 19.23 21.66 31.84
N GLY A 109 18.89 20.41 32.08
CA GLY A 109 17.62 20.09 32.69
C GLY A 109 16.46 20.09 31.70
N ARG A 110 15.24 20.01 32.22
CA ARG A 110 14.05 20.02 31.37
C ARG A 110 13.98 21.30 30.55
N LEU A 111 13.36 21.21 29.38
CA LEU A 111 13.14 22.37 28.51
C LEU A 111 11.76 22.91 28.78
N ASP A 112 11.59 24.22 28.65
CA ASP A 112 10.27 24.79 28.92
C ASP A 112 9.29 24.31 27.85
N GLU A 113 8.03 24.68 27.99
CA GLU A 113 6.98 24.15 27.14
C GLU A 113 7.18 24.52 25.67
N LYS A 114 7.51 25.77 25.41
CA LYS A 114 7.74 26.24 24.03
C LYS A 114 8.92 25.54 23.37
N GLU A 115 10.03 25.39 24.10
CA GLU A 115 11.20 24.75 23.50
C GLU A 115 10.98 23.25 23.30
N SER A 116 10.34 22.61 24.27
CA SER A 116 9.99 21.19 24.14
C SER A 116 9.15 20.98 22.89
N ARG A 117 8.14 21.83 22.71
CA ARG A 117 7.25 21.69 21.57
C ARG A 117 7.97 21.87 20.26
N ARG A 118 8.85 22.88 20.21
CA ARG A 118 9.59 23.17 19.01
C ARG A 118 10.42 21.97 18.58
N LEU A 119 11.11 21.33 19.52
CA LEU A 119 11.95 20.19 19.22
C LEU A 119 11.13 18.96 18.88
N PHE A 120 10.07 18.74 19.65
CA PHE A 120 9.19 17.59 19.41
C PHE A 120 8.51 17.65 18.05
N GLN A 121 8.28 18.85 17.54
CA GLN A 121 7.70 19.01 16.21
C GLN A 121 8.72 18.60 15.15
N GLN A 122 9.95 19.07 15.31
CA GLN A 122 11.02 18.73 14.37
C GLN A 122 11.27 17.22 14.31
N ILE A 123 11.30 16.59 15.48
CA ILE A 123 11.56 15.16 15.55
C ILE A 123 10.43 14.36 14.91
N LEU A 124 9.19 14.65 15.31
CA LEU A 124 8.04 13.93 14.78
C LEU A 124 7.92 14.10 13.27
N SER A 125 8.32 15.27 12.79
CA SER A 125 8.39 15.54 11.37
C SER A 125 9.34 14.55 10.67
N GLY A 126 10.51 14.32 11.29
CA GLY A 126 11.46 13.33 10.78
C GLY A 126 10.90 11.91 10.81
N VAL A 127 10.30 11.54 11.94
CA VAL A 127 9.73 10.22 12.11
C VAL A 127 8.69 9.95 11.02
N ASP A 128 7.85 10.94 10.79
CA ASP A 128 6.78 10.86 9.81
C ASP A 128 7.33 10.65 8.41
N TYR A 129 8.31 11.47 8.06
CA TYR A 129 9.00 11.35 6.78
C TYR A 129 9.58 9.94 6.58
N CYS A 130 10.15 9.35 7.62
CA CYS A 130 10.64 7.97 7.53
C CYS A 130 9.49 7.03 7.21
N HIS A 131 8.39 7.17 7.96
CA HIS A 131 7.24 6.30 7.79
C HIS A 131 6.63 6.44 6.40
N ARG A 132 6.52 7.67 5.91
CA ARG A 132 6.02 7.89 4.54
C ARG A 132 6.88 7.16 3.52
N HIS A 133 8.14 6.95 3.85
CA HIS A 133 9.08 6.22 3.00
C HIS A 133 9.20 4.75 3.39
N MET A 134 8.32 4.29 4.27
CA MET A 134 8.21 2.87 4.60
C MET A 134 9.43 2.38 5.35
N VAL A 135 9.96 3.24 6.21
CA VAL A 135 11.06 2.91 7.08
C VAL A 135 10.70 3.16 8.54
N VAL A 136 10.96 2.19 9.39
CA VAL A 136 10.79 2.35 10.83
C VAL A 136 12.17 2.39 11.51
N HIS A 137 12.39 3.37 12.37
CA HIS A 137 13.70 3.57 13.00
C HIS A 137 13.94 2.61 14.17
N ARG A 138 12.96 2.51 15.07
CA ARG A 138 12.96 1.56 16.21
C ARG A 138 13.97 1.80 17.33
N ASP A 139 14.98 2.62 17.06
CA ASP A 139 15.94 3.04 18.08
C ASP A 139 15.76 4.49 18.58
N LEU A 140 14.61 5.11 18.31
CA LEU A 140 14.40 6.50 18.75
C LEU A 140 14.59 6.72 20.25
N LYS A 141 15.47 7.66 20.57
CA LYS A 141 15.79 8.03 21.96
C LYS A 141 16.75 9.21 21.94
N PRO A 142 16.79 10.00 23.02
CA PRO A 142 17.57 11.24 23.04
C PRO A 142 19.04 11.05 22.70
N GLU A 143 19.58 9.86 22.95
CA GLU A 143 20.96 9.54 22.57
C GLU A 143 21.14 9.47 21.05
N ASN A 144 20.06 9.13 20.35
CA ASN A 144 20.07 9.05 18.90
C ASN A 144 19.52 10.28 18.21
N VAL A 145 19.21 11.30 19.01
CA VAL A 145 18.74 12.55 18.45
C VAL A 145 19.80 13.62 18.67
N LEU A 146 20.37 14.11 17.58
CA LEU A 146 21.47 15.05 17.74
C LEU A 146 20.99 16.47 17.55
N LEU A 147 21.87 17.42 17.83
CA LEU A 147 21.53 18.83 17.73
C LEU A 147 22.61 19.58 16.99
N ASP A 148 22.21 20.51 16.15
CA ASP A 148 23.18 21.36 15.48
C ASP A 148 23.40 22.62 16.30
N ALA A 149 24.20 23.55 15.77
CA ALA A 149 24.56 24.76 16.52
C ALA A 149 23.34 25.60 16.86
N HIS A 150 22.29 25.46 16.05
CA HIS A 150 21.06 26.24 16.20
C HIS A 150 19.93 25.51 16.96
N MET A 151 20.24 24.36 17.53
CA MET A 151 19.27 23.56 18.28
C MET A 151 18.16 22.98 17.40
N ASN A 152 18.53 22.55 16.21
CA ASN A 152 17.64 21.75 15.38
C ASN A 152 17.92 20.27 15.59
N ALA A 153 16.85 19.50 15.78
CA ALA A 153 16.94 18.07 16.02
C ALA A 153 17.39 17.34 14.76
N LYS A 154 18.23 16.33 14.93
CA LYS A 154 18.61 15.46 13.82
C LYS A 154 18.56 13.99 14.23
N ILE A 155 17.65 13.23 13.60
CA ILE A 155 17.59 11.79 13.86
C ILE A 155 18.78 11.09 13.19
N ALA A 156 19.43 10.20 13.95
CA ALA A 156 20.62 9.52 13.49
C ALA A 156 20.56 8.01 13.80
N ASP A 157 21.54 7.27 13.24
CA ASP A 157 21.73 5.85 13.51
C ASP A 157 20.56 4.95 13.16
N PHE A 158 20.42 4.68 11.88
CA PHE A 158 19.37 3.81 11.35
C PHE A 158 19.76 2.31 11.40
N GLY A 159 20.85 2.01 12.10
CA GLY A 159 21.33 0.64 12.26
C GLY A 159 20.34 -0.41 12.71
N LEU A 160 19.38 -0.02 13.54
CA LEU A 160 18.34 -0.94 13.97
C LEU A 160 17.07 -0.83 13.13
N SER A 161 17.11 0.00 12.09
CA SER A 161 15.89 0.26 11.35
C SER A 161 15.49 -0.92 10.47
N ASN A 162 14.33 -0.81 9.86
CA ASN A 162 13.80 -1.83 8.99
C ASN A 162 12.77 -1.24 8.04
N MET A 163 12.58 -1.88 6.90
CA MET A 163 11.61 -1.40 5.91
C MET A 163 10.30 -2.14 6.07
N MET A 164 9.20 -1.42 5.96
CA MET A 164 7.88 -2.01 6.10
C MET A 164 7.38 -2.64 4.80
N SER A 165 6.94 -3.89 4.90
CA SER A 165 6.47 -4.61 3.73
C SER A 165 4.99 -4.90 3.87
N ASP A 166 4.31 -5.04 2.73
CA ASP A 166 2.87 -5.20 2.72
C ASP A 166 2.44 -6.55 3.33
N GLY A 167 1.57 -6.48 4.33
CA GLY A 167 1.06 -7.66 4.99
C GLY A 167 2.04 -8.30 5.95
N GLU A 168 3.09 -7.59 6.31
CA GLU A 168 4.15 -8.17 7.14
C GLU A 168 4.27 -7.50 8.51
N PHE A 169 4.54 -8.32 9.51
CA PHE A 169 4.77 -7.84 10.87
C PHE A 169 6.24 -8.07 11.25
N LEU A 170 6.73 -7.33 12.24
CA LEU A 170 8.09 -7.50 12.74
C LEU A 170 8.10 -8.08 14.15
N ARG A 171 8.88 -9.15 14.36
CA ARG A 171 9.01 -9.72 15.71
C ARG A 171 10.25 -9.23 16.47
N TPO A 172 11.17 -8.55 15.79
CA TPO A 172 12.49 -8.26 16.39
CB TPO A 172 13.48 -7.73 15.34
CG2 TPO A 172 14.81 -7.38 16.00
OG1 TPO A 172 13.79 -8.65 14.29
P TPO A 172 13.30 -7.92 12.97
O1P TPO A 172 13.38 -8.90 11.71
O2P TPO A 172 14.22 -6.80 12.76
O3P TPO A 172 11.78 -7.45 13.17
C TPO A 172 12.46 -7.30 17.58
O TPO A 172 12.01 -6.16 17.47
N SER A 173 12.93 -7.78 18.73
CA SER A 173 13.09 -6.92 19.88
C SER A 173 14.20 -5.92 19.59
N CYS A 174 13.95 -4.65 19.86
CA CYS A 174 14.87 -3.59 19.46
C CYS A 174 14.92 -2.46 20.47
N GLY A 175 16.01 -1.70 20.44
CA GLY A 175 16.13 -0.49 21.22
C GLY A 175 16.33 -0.71 22.71
N SER A 176 16.56 0.41 23.39
CA SER A 176 16.69 0.43 24.85
C SER A 176 15.35 0.13 25.52
N PRO A 177 15.39 -0.59 26.66
CA PRO A 177 14.18 -0.96 27.40
C PRO A 177 13.31 0.23 27.78
N ASN A 178 13.95 1.33 28.15
CA ASN A 178 13.24 2.55 28.54
C ASN A 178 12.39 3.17 27.43
N TYR A 179 12.83 3.04 26.19
CA TYR A 179 12.10 3.57 25.05
C TYR A 179 11.30 2.54 24.25
N ALA A 180 11.32 1.28 24.67
CA ALA A 180 10.63 0.23 23.93
C ALA A 180 9.17 0.10 24.34
N ALA A 181 8.31 -0.10 23.35
CA ALA A 181 6.86 -0.22 23.55
C ALA A 181 6.49 -1.55 24.20
N PRO A 182 5.37 -1.60 24.95
CA PRO A 182 5.00 -2.82 25.67
C PRO A 182 5.00 -4.08 24.80
N GLU A 183 4.63 -3.93 23.53
CA GLU A 183 4.63 -5.08 22.63
C GLU A 183 6.05 -5.53 22.28
N VAL A 184 6.99 -4.59 22.31
CA VAL A 184 8.38 -4.91 21.96
C VAL A 184 9.12 -5.63 23.10
N ILE A 185 8.88 -5.20 24.34
CA ILE A 185 9.50 -5.90 25.47
C ILE A 185 8.76 -7.22 25.73
N SER A 186 7.54 -7.35 25.20
CA SER A 186 6.76 -8.58 25.37
C SER A 186 7.04 -9.58 24.24
N GLY A 187 7.89 -9.18 23.30
CA GLY A 187 8.26 -10.02 22.17
C GLY A 187 7.20 -10.25 21.10
N ARG A 188 6.06 -9.57 21.22
CA ARG A 188 4.95 -9.75 20.27
C ARG A 188 5.24 -9.12 18.91
N LEU A 189 4.50 -9.52 17.89
CA LEU A 189 4.63 -8.93 16.55
C LEU A 189 4.05 -7.51 16.48
N TYR A 190 4.56 -6.69 15.57
CA TYR A 190 4.10 -5.32 15.43
C TYR A 190 4.29 -4.81 14.00
N ALA A 191 3.47 -3.83 13.59
CA ALA A 191 3.59 -3.23 12.27
C ALA A 191 4.80 -2.30 12.20
N GLY A 192 5.03 -1.61 13.32
CA GLY A 192 6.18 -0.76 13.55
C GLY A 192 6.10 0.75 13.56
N PRO A 193 5.13 1.37 12.86
CA PRO A 193 5.05 2.82 13.09
C PRO A 193 4.58 3.16 14.51
N GLU A 194 3.75 2.28 15.08
CA GLU A 194 3.23 2.51 16.42
C GLU A 194 4.32 2.40 17.48
N VAL A 195 5.43 1.73 17.12
CA VAL A 195 6.56 1.58 18.03
C VAL A 195 7.44 2.85 18.07
N ASP A 196 7.66 3.44 16.91
CA ASP A 196 8.31 4.74 16.83
C ASP A 196 7.51 5.82 17.56
N ILE A 197 6.18 5.71 17.52
CA ILE A 197 5.32 6.68 18.18
C ILE A 197 5.42 6.57 19.71
N TRP A 198 5.37 5.34 20.23
CA TRP A 198 5.61 5.11 21.65
C TRP A 198 6.93 5.73 22.11
N SER A 199 8.02 5.43 21.41
CA SER A 199 9.34 5.99 21.72
C SER A 199 9.32 7.52 21.68
N SER A 200 8.62 8.08 20.71
CA SER A 200 8.53 9.53 20.57
C SER A 200 7.78 10.15 21.75
N GLY A 201 6.84 9.39 22.29
CA GLY A 201 6.17 9.79 23.52
C GLY A 201 7.12 9.84 24.70
N VAL A 202 8.03 8.85 24.79
CA VAL A 202 9.02 8.85 25.86
C VAL A 202 9.99 10.03 25.72
N ILE A 203 10.38 10.33 24.49
CA ILE A 203 11.23 11.48 24.20
C ILE A 203 10.55 12.79 24.60
N LEU A 204 9.25 12.89 24.29
CA LEU A 204 8.48 14.09 24.63
C LEU A 204 8.43 14.31 26.13
N TYR A 205 8.25 13.23 26.87
CA TYR A 205 8.27 13.28 28.32
C TYR A 205 9.62 13.77 28.84
N ALA A 206 10.69 13.23 28.27
CA ALA A 206 12.05 13.58 28.69
C ALA A 206 12.32 15.06 28.48
N LEU A 207 11.85 15.60 27.37
CA LEU A 207 11.98 17.02 27.07
C LEU A 207 11.27 17.89 28.10
N LEU A 208 10.05 17.50 28.44
CA LEU A 208 9.19 18.26 29.35
C LEU A 208 9.59 18.14 30.82
N CYS A 209 9.85 16.91 31.27
CA CYS A 209 10.22 16.66 32.67
C CYS A 209 11.72 16.51 33.03
N GLY A 210 12.57 16.34 32.03
CA GLY A 210 13.98 16.05 32.31
C GLY A 210 14.27 14.72 32.99
N THR A 211 13.29 13.82 32.99
CA THR A 211 13.43 12.46 33.53
C THR A 211 12.72 11.47 32.61
N LEU A 212 12.91 10.18 32.83
CA LEU A 212 12.22 9.16 32.05
C LEU A 212 10.92 8.74 32.73
N PRO A 213 9.85 8.53 31.95
CA PRO A 213 8.55 8.12 32.47
C PRO A 213 8.54 6.70 33.02
N PHE A 214 9.28 5.80 32.39
CA PHE A 214 9.44 4.45 32.92
C PHE A 214 10.90 4.18 33.20
N ASP A 215 11.26 4.15 34.48
CA ASP A 215 12.61 3.78 34.85
C ASP A 215 12.65 3.09 36.20
N ASP A 216 13.38 1.97 36.27
CA ASP A 216 13.64 1.30 37.53
C ASP A 216 14.95 0.55 37.42
N ASP A 217 15.68 0.48 38.52
CA ASP A 217 16.95 -0.28 38.54
C ASP A 217 16.67 -1.78 38.52
N HIS A 218 15.48 -2.15 38.97
CA HIS A 218 15.03 -3.54 38.95
C HIS A 218 14.31 -3.79 37.63
N VAL A 219 14.91 -4.62 36.79
CA VAL A 219 14.43 -4.81 35.43
C VAL A 219 13.02 -5.43 35.32
N PRO A 220 12.68 -6.43 36.15
CA PRO A 220 11.29 -6.92 36.05
C PRO A 220 10.25 -5.86 36.42
N THR A 221 10.60 -4.97 37.34
CA THR A 221 9.70 -3.89 37.73
C THR A 221 9.54 -2.87 36.60
N LEU A 222 10.63 -2.60 35.89
CA LEU A 222 10.61 -1.69 34.75
C LEU A 222 9.69 -2.20 33.64
N PHE A 223 9.76 -3.51 33.36
CA PHE A 223 8.93 -4.09 32.31
C PHE A 223 7.46 -4.06 32.69
N LYS A 224 7.16 -4.26 33.97
CA LYS A 224 5.78 -4.20 34.42
C LYS A 224 5.24 -2.77 34.32
N LYS A 225 6.04 -1.79 34.73
CA LYS A 225 5.66 -0.39 34.64
C LYS A 225 5.31 -0.01 33.20
N ILE A 226 6.09 -0.53 32.26
CA ILE A 226 5.86 -0.25 30.84
C ILE A 226 4.57 -0.90 30.33
N CYS A 227 4.35 -2.16 30.67
CA CYS A 227 3.15 -2.87 30.23
C CYS A 227 1.89 -2.37 30.92
N ASP A 228 2.07 -1.77 32.10
CA ASP A 228 0.95 -1.15 32.81
C ASP A 228 0.62 0.23 32.22
N GLY A 229 1.61 0.85 31.59
CA GLY A 229 1.41 2.15 30.98
C GLY A 229 1.32 3.28 31.99
N ILE A 230 1.62 2.99 33.25
CA ILE A 230 1.53 3.99 34.31
C ILE A 230 2.82 4.75 34.50
N PHE A 231 2.73 6.08 34.52
CA PHE A 231 3.87 6.96 34.75
C PHE A 231 3.44 8.20 35.51
N TYR A 232 4.38 8.91 36.12
CA TYR A 232 4.06 10.09 36.91
C TYR A 232 3.99 11.34 36.05
N THR A 233 2.97 12.16 36.30
CA THR A 233 2.82 13.45 35.64
C THR A 233 3.04 14.60 36.62
N PRO A 234 4.18 15.29 36.50
CA PRO A 234 4.48 16.43 37.39
C PRO A 234 3.39 17.50 37.34
N GLN A 235 3.24 18.22 38.45
CA GLN A 235 2.22 19.27 38.58
C GLN A 235 2.41 20.36 37.53
N TYR A 236 3.64 20.57 37.09
CA TYR A 236 3.92 21.70 36.21
C TYR A 236 3.57 21.40 34.76
N LEU A 237 3.16 20.17 34.47
CA LEU A 237 2.79 19.80 33.11
C LEU A 237 1.42 20.30 32.72
N ASN A 238 1.36 20.95 31.55
CA ASN A 238 0.12 21.33 30.91
C ASN A 238 -0.80 20.13 30.72
N PRO A 239 -2.03 20.22 31.24
CA PRO A 239 -3.05 19.17 31.07
C PRO A 239 -3.25 18.80 29.59
N SER A 240 -3.03 19.78 28.71
CA SER A 240 -3.17 19.54 27.28
C SER A 240 -2.12 18.53 26.79
N VAL A 241 -0.87 18.72 27.20
CA VAL A 241 0.17 17.82 26.73
C VAL A 241 0.11 16.50 27.48
N ILE A 242 -0.47 16.49 28.67
CA ILE A 242 -0.65 15.25 29.40
C ILE A 242 -1.58 14.34 28.61
N SER A 243 -2.61 14.91 28.00
CA SER A 243 -3.55 14.10 27.21
C SER A 243 -2.85 13.53 25.98
N LEU A 244 -1.96 14.31 25.37
CA LEU A 244 -1.21 13.85 24.22
C LEU A 244 -0.28 12.70 24.61
N LEU A 245 0.39 12.84 25.76
CA LEU A 245 1.25 11.78 26.27
C LEU A 245 0.46 10.51 26.55
N LYS A 246 -0.73 10.67 27.13
CA LYS A 246 -1.59 9.54 27.46
C LYS A 246 -1.99 8.78 26.21
N HIS A 247 -2.18 9.50 25.12
CA HIS A 247 -2.59 8.90 23.85
C HIS A 247 -1.42 8.19 23.17
N MET A 248 -0.26 8.85 23.14
CA MET A 248 0.94 8.26 22.55
C MET A 248 1.45 7.06 23.35
N LEU A 249 1.29 7.12 24.66
CA LEU A 249 1.76 6.08 25.57
C LEU A 249 0.71 5.04 25.93
N GLN A 250 -0.40 5.00 25.20
CA GLN A 250 -1.36 3.90 25.33
C GLN A 250 -0.68 2.54 25.17
N VAL A 251 -0.95 1.63 26.11
CA VAL A 251 -0.44 0.26 26.03
C VAL A 251 -1.01 -0.48 24.83
N ASP A 252 -2.33 -0.42 24.67
CA ASP A 252 -3.00 -1.01 23.53
C ASP A 252 -2.60 -0.28 22.24
N PRO A 253 -1.95 -0.98 21.31
CA PRO A 253 -1.49 -0.32 20.08
C PRO A 253 -2.63 0.17 19.19
N MET A 254 -3.79 -0.45 19.33
CA MET A 254 -4.95 -0.02 18.54
C MET A 254 -5.54 1.28 19.10
N LYS A 255 -5.33 1.53 20.38
CA LYS A 255 -5.78 2.76 21.02
C LYS A 255 -4.73 3.87 20.97
N ARG A 256 -3.52 3.52 20.56
CA ARG A 256 -2.40 4.46 20.58
C ARG A 256 -2.46 5.45 19.42
N ALA A 257 -2.11 6.69 19.74
CA ALA A 257 -2.11 7.79 18.78
C ALA A 257 -1.32 7.47 17.51
N THR A 258 -1.86 7.91 16.37
CA THR A 258 -1.11 7.89 15.12
C THR A 258 -0.52 9.28 14.88
N ILE A 259 0.27 9.40 13.83
CA ILE A 259 0.89 10.68 13.50
C ILE A 259 -0.18 11.68 13.07
N LYS A 260 -1.21 11.19 12.38
CA LYS A 260 -2.36 12.03 12.05
C LYS A 260 -3.03 12.57 13.33
N ASP A 261 -3.25 11.70 14.31
CA ASP A 261 -3.82 12.11 15.60
C ASP A 261 -3.00 13.20 16.28
N ILE A 262 -1.67 13.07 16.23
CA ILE A 262 -0.79 14.01 16.90
C ILE A 262 -0.82 15.37 16.20
N ARG A 263 -0.85 15.36 14.87
CA ARG A 263 -0.93 16.60 14.10
C ARG A 263 -2.23 17.34 14.35
N GLU A 264 -3.28 16.61 14.71
CA GLU A 264 -4.58 17.21 15.02
C GLU A 264 -4.67 17.71 16.46
N HIS A 265 -3.74 17.29 17.31
CA HIS A 265 -3.80 17.65 18.73
C HIS A 265 -3.47 19.13 18.91
N GLU A 266 -4.23 19.79 19.79
CA GLU A 266 -4.10 21.23 19.96
C GLU A 266 -2.72 21.67 20.45
N TRP A 267 -2.14 20.93 21.40
CA TRP A 267 -0.82 21.28 21.93
C TRP A 267 0.27 21.24 20.86
N PHE A 268 0.17 20.28 19.95
CA PHE A 268 1.10 20.13 18.84
C PHE A 268 0.97 21.21 17.78
N LYS A 269 -0.26 21.67 17.53
CA LYS A 269 -0.53 22.63 16.47
C LYS A 269 -0.01 24.05 16.80
N GLN A 270 0.10 24.37 18.08
CA GLN A 270 0.56 25.70 18.46
C GLN A 270 1.94 26.00 17.88
N ASP A 271 2.07 27.14 17.20
CA ASP A 271 3.37 27.65 16.77
C ASP A 271 4.02 26.80 15.67
N LEU A 272 3.32 25.76 15.23
CA LEU A 272 3.83 24.84 14.21
C LEU A 272 4.25 25.49 12.89
N PRO A 273 5.54 25.38 12.54
CA PRO A 273 6.06 25.91 11.27
C PRO A 273 5.46 25.18 10.07
N LYS A 274 5.24 25.92 8.98
CA LYS A 274 4.60 25.36 7.79
C LYS A 274 5.50 24.37 7.07
N TYR A 275 6.80 24.62 7.09
CA TYR A 275 7.76 23.80 6.34
C TYR A 275 7.85 22.36 6.84
N LEU A 276 7.51 22.15 8.11
CA LEU A 276 7.79 20.86 8.75
C LEU A 276 7.05 19.70 8.12
N PHE A 277 5.81 19.93 7.71
CA PHE A 277 5.02 18.82 7.20
C PHE A 277 4.56 19.07 5.77
N PRO A 278 4.54 18.00 4.96
CA PRO A 278 4.30 18.12 3.51
C PRO A 278 2.93 18.69 3.21
N GLU A 279 1.93 18.34 4.01
CA GLU A 279 0.57 18.82 3.78
C GLU A 279 0.42 20.30 4.13
N ILE A 328 4.16 18.18 -9.70
CA ILE A 328 3.13 19.18 -9.97
C ILE A 328 1.89 18.53 -10.59
N ASP A 329 2.09 17.80 -11.68
CA ASP A 329 1.01 17.16 -12.42
C ASP A 329 0.41 16.05 -11.57
N ASN A 330 1.27 15.30 -10.89
CA ASN A 330 0.82 14.24 -10.01
C ASN A 330 -0.02 14.76 -8.84
N ARG A 331 0.32 15.94 -8.33
CA ARG A 331 -0.45 16.50 -7.22
C ARG A 331 -1.86 16.91 -7.67
N ARG A 332 -1.95 17.43 -8.89
CA ARG A 332 -3.23 17.88 -9.44
C ARG A 332 -4.20 16.71 -9.65
N ILE A 333 -3.70 15.58 -10.12
CA ILE A 333 -4.55 14.42 -10.37
C ILE A 333 -5.13 13.87 -9.07
N MET A 334 -4.34 13.91 -7.99
CA MET A 334 -4.78 13.41 -6.69
C MET A 334 -5.91 14.27 -6.13
N ASN A 335 -5.78 15.59 -6.31
CA ASN A 335 -6.80 16.52 -5.85
C ASN A 335 -8.12 16.30 -6.55
N GLU A 336 -8.04 16.06 -7.86
CA GLU A 336 -9.24 15.79 -8.62
C GLU A 336 -9.93 14.59 -8.00
N ALA A 337 -9.25 13.44 -7.93
CA ALA A 337 -9.84 12.21 -7.38
C ALA A 337 -10.51 12.40 -6.01
N LYS A 338 -9.82 13.08 -5.10
CA LYS A 338 -10.35 13.32 -3.76
C LYS A 338 -11.61 14.19 -3.81
N ASP A 339 -11.60 15.20 -4.68
CA ASP A 339 -12.74 16.09 -4.84
C ASP A 339 -13.97 15.33 -5.34
N PHE A 340 -13.78 14.41 -6.28
CA PHE A 340 -14.88 13.62 -6.82
C PHE A 340 -15.54 12.77 -5.73
N ARG A 392 -28.76 -3.86 9.45
CA ARG A 392 -27.94 -5.07 9.43
C ARG A 392 -26.97 -5.09 8.24
N LYS A 393 -25.85 -5.80 8.41
CA LYS A 393 -24.86 -5.97 7.35
C LYS A 393 -24.01 -7.22 7.61
N ALA A 394 -23.39 -7.75 6.55
CA ALA A 394 -22.53 -8.94 6.66
C ALA A 394 -21.30 -8.68 7.52
N LYS A 395 -20.88 -9.69 8.29
CA LYS A 395 -19.75 -9.56 9.19
C LYS A 395 -18.57 -10.43 8.75
N TRP A 396 -17.52 -9.80 8.24
CA TRP A 396 -16.34 -10.52 7.76
C TRP A 396 -15.47 -11.00 8.91
N HIS A 397 -14.64 -11.99 8.64
CA HIS A 397 -13.70 -12.45 9.65
C HIS A 397 -12.43 -12.99 9.00
N LEU A 398 -11.34 -12.99 9.77
CA LEU A 398 -10.02 -13.30 9.25
C LEU A 398 -9.66 -14.78 9.31
N GLY A 399 -9.18 -15.30 8.19
CA GLY A 399 -8.76 -16.70 8.09
C GLY A 399 -9.79 -17.70 8.58
N ILE A 400 -9.30 -18.74 9.25
CA ILE A 400 -10.15 -19.79 9.80
C ILE A 400 -9.71 -20.14 11.22
N ARG A 401 -10.67 -20.37 12.11
CA ARG A 401 -10.36 -20.62 13.52
C ARG A 401 -10.72 -22.02 13.99
N SER A 402 -9.94 -22.55 14.92
CA SER A 402 -10.17 -23.86 15.50
C SER A 402 -9.87 -23.86 17.01
N GLN A 403 -10.83 -24.29 17.81
CA GLN A 403 -10.63 -24.40 19.26
C GLN A 403 -9.69 -25.57 19.57
N SER A 404 -9.31 -26.32 18.55
CA SER A 404 -8.44 -27.48 18.73
C SER A 404 -6.99 -27.07 18.99
N ARG A 405 -6.12 -28.05 19.23
CA ARG A 405 -4.75 -27.82 19.67
C ARG A 405 -3.78 -27.53 18.50
N PRO A 406 -2.67 -26.81 18.77
CA PRO A 406 -1.75 -26.32 17.73
C PRO A 406 -1.00 -27.40 16.97
N ASN A 407 -0.67 -28.49 17.63
CA ASN A 407 -0.02 -29.60 16.93
C ASN A 407 -1.04 -30.37 16.12
N ASP A 408 -2.27 -30.41 16.63
CA ASP A 408 -3.37 -31.02 15.91
C ASP A 408 -3.65 -30.26 14.61
N ILE A 409 -3.84 -28.95 14.73
CA ILE A 409 -4.24 -28.14 13.58
C ILE A 409 -3.10 -27.98 12.57
N MET A 410 -1.86 -28.13 13.02
CA MET A 410 -0.74 -28.06 12.08
C MET A 410 -0.65 -29.33 11.23
N ALA A 411 -0.80 -30.48 11.87
CA ALA A 411 -0.81 -31.77 11.16
C ALA A 411 -1.94 -31.82 10.14
N GLU A 412 -3.09 -31.28 10.54
CA GLU A 412 -4.29 -31.31 9.72
C GLU A 412 -4.11 -30.53 8.42
N VAL A 413 -3.49 -29.36 8.52
CA VAL A 413 -3.26 -28.53 7.34
C VAL A 413 -2.32 -29.21 6.36
N CYS A 414 -1.21 -29.73 6.87
CA CYS A 414 -0.22 -30.40 6.04
C CYS A 414 -0.83 -31.57 5.28
N ARG A 415 -1.73 -32.30 5.93
CA ARG A 415 -2.44 -33.40 5.29
C ARG A 415 -3.30 -32.88 4.14
N ALA A 416 -4.02 -31.79 4.40
CA ALA A 416 -4.92 -31.22 3.42
C ALA A 416 -4.16 -30.54 2.27
N ILE A 417 -2.98 -30.02 2.57
CA ILE A 417 -2.11 -29.48 1.54
C ILE A 417 -1.67 -30.59 0.59
N LYS A 418 -1.30 -31.73 1.17
CA LYS A 418 -0.85 -32.87 0.39
C LYS A 418 -1.97 -33.44 -0.47
N GLN A 419 -3.18 -33.47 0.09
CA GLN A 419 -4.35 -33.97 -0.61
C GLN A 419 -4.61 -33.23 -1.91
N LEU A 420 -4.35 -31.93 -1.91
CA LEU A 420 -4.61 -31.09 -3.08
C LEU A 420 -3.40 -31.00 -4.01
N ASP A 421 -2.35 -31.76 -3.71
CA ASP A 421 -1.13 -31.86 -4.52
C ASP A 421 -0.20 -30.65 -4.35
N TYR A 422 -0.58 -29.71 -3.48
CA TYR A 422 0.28 -28.55 -3.21
C TYR A 422 1.63 -28.96 -2.60
N GLU A 423 2.63 -28.12 -2.77
CA GLU A 423 3.97 -28.33 -2.20
C GLU A 423 4.29 -27.26 -1.17
N TRP A 424 4.96 -27.64 -0.07
CA TRP A 424 5.22 -26.66 0.98
C TRP A 424 6.58 -26.79 1.65
N LYS A 425 7.05 -25.65 2.17
CA LYS A 425 8.26 -25.58 3.00
C LYS A 425 7.89 -25.27 4.44
N VAL A 426 8.44 -25.99 5.39
CA VAL A 426 8.22 -25.61 6.77
C VAL A 426 9.36 -24.70 7.17
N VAL A 427 9.09 -23.41 7.18
CA VAL A 427 10.06 -22.38 7.52
C VAL A 427 10.11 -22.23 9.03
N ASN A 428 8.96 -22.51 9.64
CA ASN A 428 8.75 -22.40 11.07
C ASN A 428 7.73 -23.47 11.40
N PRO A 429 7.68 -23.93 12.67
CA PRO A 429 6.62 -24.89 13.01
C PRO A 429 5.22 -24.41 12.62
N TYR A 430 4.93 -23.14 12.90
CA TYR A 430 3.62 -22.57 12.62
C TYR A 430 3.52 -21.75 11.33
N TYR A 431 4.60 -21.68 10.57
CA TYR A 431 4.63 -20.87 9.35
C TYR A 431 5.08 -21.67 8.14
N LEU A 432 4.17 -21.80 7.18
CA LEU A 432 4.40 -22.61 5.98
C LEU A 432 4.39 -21.75 4.72
N ARG A 433 5.23 -22.10 3.76
CA ARG A 433 5.15 -21.48 2.44
C ARG A 433 4.68 -22.50 1.42
N VAL A 434 3.55 -22.21 0.78
CA VAL A 434 2.92 -23.16 -0.14
C VAL A 434 2.99 -22.69 -1.59
N ARG A 435 3.19 -23.63 -2.50
CA ARG A 435 3.24 -23.35 -3.93
C ARG A 435 2.41 -24.35 -4.70
N ARG A 436 1.39 -23.85 -5.39
CA ARG A 436 0.49 -24.69 -6.18
C ARG A 436 0.75 -24.53 -7.67
N LYS A 437 0.79 -25.66 -8.38
CA LYS A 437 0.80 -25.60 -9.83
C LYS A 437 -0.62 -25.37 -10.34
N ASN A 438 -0.77 -24.42 -11.25
CA ASN A 438 -2.04 -24.16 -11.91
C ASN A 438 -2.12 -24.98 -13.20
N PRO A 439 -3.14 -25.84 -13.32
CA PRO A 439 -3.20 -26.74 -14.48
C PRO A 439 -3.38 -26.03 -15.82
N VAL A 440 -4.23 -25.00 -15.85
CA VAL A 440 -4.51 -24.29 -17.10
C VAL A 440 -3.34 -23.39 -17.54
N THR A 441 -2.85 -22.54 -16.64
CA THR A 441 -1.81 -21.58 -16.99
C THR A 441 -0.40 -22.20 -16.92
N SER A 442 -0.29 -23.36 -16.30
CA SER A 442 1.00 -24.01 -16.07
C SER A 442 1.97 -23.08 -15.35
N THR A 443 1.46 -22.40 -14.33
CA THR A 443 2.29 -21.51 -13.51
C THR A 443 2.13 -21.82 -12.04
N TYR A 444 2.86 -21.09 -11.20
CA TYR A 444 2.82 -21.32 -9.77
C TYR A 444 2.20 -20.14 -9.03
N SER A 445 1.48 -20.47 -7.97
CA SER A 445 0.79 -19.49 -7.14
C SER A 445 1.19 -19.72 -5.69
N LYS A 446 1.81 -18.72 -5.07
CA LYS A 446 2.38 -18.92 -3.74
C LYS A 446 1.65 -18.15 -2.65
N MET A 447 1.50 -18.78 -1.48
CA MET A 447 0.87 -18.15 -0.34
C MET A 447 1.52 -18.59 0.96
N SER A 448 1.39 -17.77 2.00
CA SER A 448 1.95 -18.10 3.30
C SER A 448 0.87 -18.47 4.30
N LEU A 449 1.16 -19.48 5.11
CA LEU A 449 0.23 -19.87 6.17
C LEU A 449 0.89 -19.65 7.53
N GLN A 450 0.19 -18.97 8.41
CA GLN A 450 0.69 -18.77 9.77
C GLN A 450 -0.42 -19.04 10.78
N LEU A 451 -0.08 -19.78 11.84
CA LEU A 451 -1.03 -19.98 12.92
C LEU A 451 -0.79 -18.94 14.02
N TYR A 452 -1.87 -18.37 14.53
CA TYR A 452 -1.77 -17.43 15.65
C TYR A 452 -2.68 -17.87 16.79
N GLN A 453 -2.40 -17.35 17.98
CA GLN A 453 -3.25 -17.64 19.12
C GLN A 453 -4.21 -16.48 19.43
N VAL A 454 -5.52 -16.73 19.25
CA VAL A 454 -6.54 -15.73 19.51
C VAL A 454 -6.76 -15.53 21.02
N ASP A 455 -6.97 -16.63 21.73
CA ASP A 455 -6.96 -16.64 23.19
C ASP A 455 -6.39 -17.97 23.65
N SER A 456 -6.45 -18.26 24.94
CA SER A 456 -5.88 -19.50 25.46
C SER A 456 -6.53 -20.73 24.83
N ARG A 457 -7.84 -20.67 24.60
CA ARG A 457 -8.57 -21.81 24.07
C ARG A 457 -8.67 -21.86 22.54
N THR A 458 -8.32 -20.78 21.85
CA THR A 458 -8.55 -20.68 20.40
C THR A 458 -7.30 -20.34 19.59
N TYR A 459 -7.20 -20.92 18.38
CA TYR A 459 -6.10 -20.63 17.46
C TYR A 459 -6.64 -20.29 16.05
N LEU A 460 -5.84 -19.59 15.26
CA LEU A 460 -6.30 -19.06 13.97
C LEU A 460 -5.28 -19.27 12.85
N LEU A 461 -5.73 -19.81 11.72
CA LEU A 461 -4.86 -19.97 10.57
C LEU A 461 -5.01 -18.80 9.62
N ASP A 462 -3.88 -18.25 9.17
CA ASP A 462 -3.89 -17.06 8.32
C ASP A 462 -3.32 -17.32 6.92
N PHE A 463 -3.99 -16.76 5.92
CA PHE A 463 -3.61 -16.90 4.53
C PHE A 463 -3.14 -15.57 3.98
N ARG A 464 -1.93 -15.53 3.43
CA ARG A 464 -1.38 -14.29 2.90
C ARG A 464 -0.81 -14.54 1.51
N SER A 465 -1.25 -13.75 0.53
CA SER A 465 -0.82 -13.93 -0.84
C SER A 465 0.62 -13.47 -1.00
N ILE A 466 1.36 -14.16 -1.87
CA ILE A 466 2.73 -13.82 -2.16
C ILE A 466 2.82 -13.30 -3.59
N ASP A 467 3.37 -12.09 -3.74
CA ASP A 467 3.43 -11.42 -5.04
C ASP A 467 4.32 -12.16 -6.03
N ASP A 468 3.86 -12.27 -7.26
CA ASP A 468 4.55 -13.06 -8.28
C ASP A 468 5.76 -12.35 -8.89
N GLU A 469 6.70 -13.14 -9.39
CA GLU A 469 7.86 -12.63 -10.11
C GLU A 469 7.49 -12.19 -11.52
N LEU A 470 6.46 -12.82 -12.07
CA LEU A 470 6.22 -12.83 -13.51
C LEU A 470 5.76 -11.50 -14.14
N THR A 471 6.20 -11.31 -15.39
CA THR A 471 5.77 -10.24 -16.28
C THR A 471 4.37 -10.62 -16.82
N PRO A 472 3.81 -9.91 -17.84
CA PRO A 472 2.45 -10.32 -18.23
C PRO A 472 2.24 -11.83 -18.48
N ARG A 473 1.23 -12.36 -17.81
CA ARG A 473 0.90 -13.79 -17.83
C ARG A 473 -0.62 -13.97 -17.77
N PRO A 474 -1.13 -15.17 -18.13
CA PRO A 474 -2.60 -15.34 -18.16
C PRO A 474 -3.26 -15.39 -16.78
N GLY A 475 -4.52 -14.94 -16.71
CA GLY A 475 -5.32 -15.07 -15.49
C GLY A 475 -5.03 -14.05 -14.39
N SER A 476 -5.87 -14.09 -13.36
CA SER A 476 -5.79 -13.13 -12.25
C SER A 476 -5.10 -13.69 -11.01
N HIS A 477 -4.06 -13.00 -10.56
CA HIS A 477 -3.31 -13.39 -9.35
C HIS A 477 -4.22 -13.43 -8.13
N THR A 478 -5.03 -12.38 -7.98
CA THR A 478 -5.94 -12.26 -6.85
C THR A 478 -6.94 -13.41 -6.80
N ILE A 479 -7.49 -13.77 -7.95
CA ILE A 479 -8.47 -14.85 -8.00
C ILE A 479 -7.80 -16.20 -7.78
N GLU A 480 -6.68 -16.43 -8.45
CA GLU A 480 -5.93 -17.68 -8.28
C GLU A 480 -5.56 -17.87 -6.82
N PHE A 481 -5.22 -16.78 -6.15
CA PHE A 481 -4.98 -16.79 -4.71
C PHE A 481 -6.23 -17.24 -3.95
N PHE A 482 -7.38 -16.68 -4.31
CA PHE A 482 -8.66 -17.05 -3.69
C PHE A 482 -8.97 -18.53 -3.91
N GLU A 483 -8.85 -18.98 -5.16
CA GLU A 483 -9.17 -20.36 -5.51
C GLU A 483 -8.26 -21.32 -4.76
N MET A 484 -6.99 -20.97 -4.65
CA MET A 484 -6.02 -21.77 -3.93
C MET A 484 -6.42 -21.95 -2.45
N CYS A 485 -6.86 -20.87 -1.83
CA CYS A 485 -7.30 -20.91 -0.43
C CYS A 485 -8.64 -21.63 -0.29
N ALA A 486 -9.54 -21.35 -1.22
CA ALA A 486 -10.88 -21.93 -1.23
C ALA A 486 -10.84 -23.45 -1.14
N ASN A 487 -9.97 -24.05 -1.93
CA ASN A 487 -9.82 -25.50 -1.98
C ASN A 487 -9.42 -26.07 -0.63
N LEU A 488 -8.50 -25.37 0.03
CA LEU A 488 -8.01 -25.80 1.33
C LEU A 488 -9.06 -25.57 2.42
N ILE A 489 -9.73 -24.42 2.36
CA ILE A 489 -10.72 -24.05 3.35
C ILE A 489 -11.90 -25.03 3.36
N LYS A 490 -12.31 -25.48 2.18
CA LYS A 490 -13.40 -26.44 2.05
C LYS A 490 -13.08 -27.71 2.84
N ILE A 491 -11.83 -28.14 2.77
CA ILE A 491 -11.35 -29.32 3.49
C ILE A 491 -11.29 -29.08 5.00
N LEU A 492 -10.78 -27.92 5.39
CA LEU A 492 -10.61 -27.58 6.80
C LEU A 492 -11.90 -27.09 7.48
N ALA A 493 -12.90 -26.72 6.67
CA ALA A 493 -14.15 -26.16 7.20
C ALA A 493 -14.89 -27.14 8.09
N PRO B 8 41.95 8.83 -11.78
CA PRO B 8 40.56 8.39 -12.01
C PRO B 8 40.31 7.01 -11.40
N ALA B 9 40.54 5.96 -12.18
CA ALA B 9 40.47 4.60 -11.67
C ALA B 9 41.86 4.15 -11.23
N GLN B 10 42.83 5.04 -11.41
CA GLN B 10 44.18 4.82 -10.91
C GLN B 10 44.26 5.12 -9.42
N ALA B 11 43.37 5.99 -8.93
CA ALA B 11 43.34 6.28 -7.50
C ALA B 11 42.19 5.54 -6.81
N ARG B 12 42.56 4.46 -6.13
CA ARG B 12 41.61 3.61 -5.40
C ARG B 12 41.97 3.43 -3.90
N PRO B 13 41.17 4.01 -2.98
CA PRO B 13 41.49 4.07 -1.55
C PRO B 13 41.68 2.71 -0.87
N THR B 14 42.78 2.57 -0.14
CA THR B 14 43.11 1.30 0.50
C THR B 14 43.54 1.52 1.94
N VAL B 15 42.96 0.76 2.85
CA VAL B 15 43.26 0.92 4.28
C VAL B 15 44.34 -0.03 4.76
N PHE B 16 45.41 0.54 5.32
CA PHE B 16 46.45 -0.27 5.95
C PHE B 16 46.39 -0.12 7.45
N ARG B 17 45.99 -1.19 8.13
CA ARG B 17 45.76 -1.09 9.57
C ARG B 17 46.54 -2.13 10.36
N TRP B 18 47.34 -1.66 11.31
CA TRP B 18 48.10 -2.53 12.20
C TRP B 18 47.44 -2.56 13.58
N THR B 19 46.95 -3.73 13.97
CA THR B 19 46.33 -3.88 15.28
C THR B 19 47.38 -4.42 16.25
N GLY B 20 47.77 -3.57 17.19
CA GLY B 20 48.81 -3.91 18.13
C GLY B 20 49.37 -2.66 18.75
N GLY B 21 50.19 -2.83 19.78
CA GLY B 21 50.81 -1.70 20.44
C GLY B 21 52.12 -1.34 19.78
N GLY B 22 52.55 -0.10 19.98
CA GLY B 22 53.87 0.33 19.54
C GLY B 22 54.10 1.79 19.86
N LYS B 23 55.36 2.20 19.93
CA LYS B 23 55.70 3.61 19.98
C LYS B 23 55.74 4.16 18.57
N GLU B 24 56.30 3.38 17.65
CA GLU B 24 56.42 3.76 16.25
C GLU B 24 56.08 2.62 15.32
N VAL B 25 55.23 2.90 14.34
CA VAL B 25 54.89 1.92 13.32
C VAL B 25 55.03 2.54 11.95
N TYR B 26 55.69 1.82 11.03
CA TYR B 26 55.84 2.29 9.66
C TYR B 26 55.33 1.28 8.67
N LEU B 27 54.92 1.76 7.50
CA LEU B 27 54.49 0.89 6.43
C LEU B 27 55.48 0.98 5.27
N SER B 28 55.88 -0.16 4.73
CA SER B 28 56.74 -0.23 3.55
C SER B 28 56.14 -1.16 2.54
N GLY B 29 56.08 -0.73 1.29
CA GLY B 29 55.57 -1.59 0.23
C GLY B 29 56.16 -1.28 -1.12
N SER B 30 55.84 -2.12 -2.10
CA SER B 30 56.22 -1.87 -3.49
C SER B 30 55.70 -0.51 -3.95
N PHE B 31 54.54 -0.12 -3.45
CA PHE B 31 53.87 1.11 -3.89
C PHE B 31 54.62 2.40 -3.51
N ASN B 32 55.26 2.43 -2.34
CA ASN B 32 56.06 3.58 -1.92
C ASN B 32 57.58 3.43 -2.11
N ASN B 33 58.00 2.39 -2.82
CA ASN B 33 59.43 2.08 -3.06
C ASN B 33 60.13 1.67 -1.77
N TRP B 34 59.38 0.99 -0.92
CA TRP B 34 59.89 0.46 0.34
C TRP B 34 60.50 1.53 1.23
N SER B 35 59.96 2.75 1.14
CA SER B 35 60.31 3.77 2.12
C SER B 35 59.51 3.52 3.38
N LYS B 36 59.73 4.31 4.42
CA LYS B 36 59.01 4.14 5.66
C LYS B 36 57.96 5.21 5.85
N LEU B 37 56.71 4.83 5.76
CA LEU B 37 55.58 5.72 5.95
C LEU B 37 55.07 5.60 7.37
N PRO B 38 55.21 6.65 8.18
CA PRO B 38 54.70 6.59 9.55
C PRO B 38 53.18 6.48 9.61
N LEU B 39 52.69 5.56 10.44
CA LEU B 39 51.27 5.36 10.66
C LEU B 39 50.83 6.10 11.90
N THR B 40 49.79 6.90 11.77
CA THR B 40 49.24 7.61 12.90
C THR B 40 48.35 6.66 13.70
N ARG B 41 48.23 6.91 15.00
CA ARG B 41 47.60 5.96 15.90
C ARG B 41 46.26 6.40 16.44
N ASP B 42 45.36 5.43 16.60
CA ASP B 42 44.21 5.56 17.48
C ASP B 42 44.18 4.33 18.38
N HIS B 43 44.45 4.53 19.66
CA HIS B 43 44.50 3.44 20.64
C HIS B 43 45.42 2.29 20.18
N ASN B 44 44.86 1.11 19.95
CA ASN B 44 45.64 -0.03 19.46
C ASN B 44 45.63 -0.17 17.92
N ASN B 45 45.08 0.84 17.24
CA ASN B 45 45.10 0.86 15.78
C ASN B 45 46.03 1.93 15.17
N PHE B 46 46.98 1.48 14.36
CA PHE B 46 47.79 2.36 13.54
C PHE B 46 47.29 2.28 12.12
N VAL B 47 47.05 3.42 11.49
CA VAL B 47 46.44 3.41 10.17
C VAL B 47 47.10 4.38 9.19
N ALA B 48 47.11 3.98 7.92
CA ALA B 48 47.27 4.91 6.82
C ALA B 48 46.34 4.47 5.69
N ILE B 49 45.81 5.43 4.95
CA ILE B 49 44.98 5.11 3.80
C ILE B 49 45.67 5.60 2.54
N LEU B 50 45.79 4.72 1.55
CA LEU B 50 46.55 5.01 0.35
C LEU B 50 45.77 4.69 -0.91
N ASP B 51 45.97 5.51 -1.95
CA ASP B 51 45.43 5.19 -3.26
C ASP B 51 46.40 4.28 -4.01
N LEU B 52 45.96 3.08 -4.36
CA LEU B 52 46.82 2.14 -5.07
C LEU B 52 46.25 1.80 -6.44
N PRO B 53 47.13 1.66 -7.43
CA PRO B 53 46.68 1.19 -8.74
C PRO B 53 46.12 -0.23 -8.65
N GLU B 54 45.14 -0.55 -9.48
CA GLU B 54 44.67 -1.93 -9.58
C GLU B 54 45.83 -2.82 -9.97
N GLY B 55 46.02 -3.89 -9.22
CA GLY B 55 47.13 -4.79 -9.47
C GLY B 55 47.66 -5.41 -8.19
N GLU B 56 48.77 -6.13 -8.30
CA GLU B 56 49.37 -6.80 -7.15
C GLU B 56 50.30 -5.86 -6.39
N HIS B 57 50.23 -5.92 -5.06
CA HIS B 57 51.06 -5.07 -4.21
C HIS B 57 51.58 -5.81 -2.99
N GLN B 58 52.88 -5.71 -2.72
CA GLN B 58 53.47 -6.35 -1.55
C GLN B 58 53.92 -5.31 -0.52
N TYR B 59 53.80 -5.65 0.75
CA TYR B 59 54.12 -4.72 1.81
C TYR B 59 54.51 -5.42 3.12
N LYS B 60 55.09 -4.64 4.02
CA LYS B 60 55.59 -5.15 5.27
C LYS B 60 55.56 -3.99 6.28
N PHE B 61 55.59 -4.30 7.56
CA PHE B 61 55.58 -3.27 8.60
C PHE B 61 56.89 -3.20 9.39
N PHE B 62 57.21 -2.00 9.87
CA PHE B 62 58.30 -1.83 10.80
C PHE B 62 57.75 -1.37 12.16
N VAL B 63 57.74 -2.28 13.13
CA VAL B 63 57.12 -2.00 14.43
C VAL B 63 58.16 -2.00 15.54
N ASP B 64 58.46 -0.82 16.08
CA ASP B 64 59.44 -0.68 17.16
C ASP B 64 60.75 -1.41 16.88
N GLY B 65 61.35 -1.16 15.72
CA GLY B 65 62.64 -1.71 15.37
C GLY B 65 62.63 -3.15 14.89
N GLN B 66 61.46 -3.69 14.61
CA GLN B 66 61.33 -5.05 14.12
C GLN B 66 60.52 -5.09 12.82
N TRP B 67 61.09 -5.65 11.77
CA TRP B 67 60.34 -5.85 10.55
C TRP B 67 59.43 -7.06 10.71
N THR B 68 58.14 -6.85 10.53
CA THR B 68 57.17 -7.94 10.56
C THR B 68 56.07 -7.74 9.52
N HIS B 69 55.32 -8.81 9.30
CA HIS B 69 54.20 -8.82 8.39
C HIS B 69 52.98 -9.08 9.24
N ASP B 70 51.80 -8.72 8.74
CA ASP B 70 50.57 -9.05 9.43
C ASP B 70 50.25 -10.53 9.16
N PRO B 71 50.21 -11.34 10.23
CA PRO B 71 49.92 -12.77 10.10
C PRO B 71 48.49 -13.06 9.64
N SER B 72 47.55 -12.19 10.00
CA SER B 72 46.15 -12.37 9.66
C SER B 72 45.84 -12.06 8.20
N GLU B 73 46.57 -11.12 7.62
CA GLU B 73 46.44 -10.82 6.19
C GLU B 73 47.19 -11.84 5.36
N PRO B 74 46.86 -11.95 4.05
CA PRO B 74 47.56 -12.90 3.18
C PRO B 74 49.07 -12.61 3.07
N ILE B 75 49.86 -13.65 2.79
CA ILE B 75 51.30 -13.46 2.63
C ILE B 75 51.83 -14.13 1.37
N VAL B 76 53.03 -13.71 0.98
CA VAL B 76 53.77 -14.32 -0.11
C VAL B 76 55.19 -14.58 0.37
N THR B 77 55.82 -15.65 -0.11
CA THR B 77 57.19 -15.96 0.29
C THR B 77 58.13 -16.08 -0.90
N SER B 78 59.19 -15.27 -0.86
CA SER B 78 60.18 -15.22 -1.93
C SER B 78 61.09 -16.44 -1.90
N GLN B 79 61.75 -16.71 -3.02
CA GLN B 79 62.75 -17.77 -3.07
C GLN B 79 63.97 -17.38 -2.24
N LEU B 80 64.08 -16.10 -1.88
CA LEU B 80 65.15 -15.62 -1.02
C LEU B 80 64.74 -15.67 0.47
N GLY B 81 63.52 -16.08 0.74
CA GLY B 81 63.07 -16.23 2.11
C GLY B 81 62.46 -14.98 2.73
N THR B 82 62.20 -13.96 1.90
CA THR B 82 61.51 -12.77 2.35
C THR B 82 60.04 -13.11 2.55
N VAL B 83 59.48 -12.72 3.69
CA VAL B 83 58.04 -12.87 3.90
C VAL B 83 57.31 -11.53 3.96
N ASN B 84 56.51 -11.25 2.94
CA ASN B 84 55.74 -10.02 2.87
C ASN B 84 54.24 -10.29 2.91
N ASN B 85 53.47 -9.29 3.30
CA ASN B 85 52.04 -9.31 3.03
C ASN B 85 51.82 -9.01 1.56
N ILE B 86 50.76 -9.57 1.00
CA ILE B 86 50.40 -9.29 -0.38
C ILE B 86 48.94 -8.85 -0.40
N ILE B 87 48.60 -7.90 -1.26
CA ILE B 87 47.22 -7.46 -1.40
C ILE B 87 46.86 -7.26 -2.87
N GLN B 88 45.69 -7.76 -3.26
CA GLN B 88 45.22 -7.61 -4.64
C GLN B 88 44.11 -6.56 -4.71
N VAL B 89 44.37 -5.49 -5.44
CA VAL B 89 43.36 -4.46 -5.65
C VAL B 89 42.38 -4.92 -6.71
N LYS B 90 41.12 -5.03 -6.34
CA LYS B 90 40.06 -5.42 -7.26
C LYS B 90 39.10 -4.26 -7.48
N LYS B 91 38.66 -4.05 -8.73
CA LYS B 91 37.77 -2.92 -9.00
C LYS B 91 36.43 -3.11 -8.31
N THR B 92 36.06 -4.36 -8.06
CA THR B 92 34.81 -4.69 -7.38
C THR B 92 34.80 -4.23 -5.92
N ASP B 93 35.97 -4.00 -5.35
CA ASP B 93 36.08 -3.55 -3.96
C ASP B 93 35.71 -2.09 -3.81
N PHE B 94 35.77 -1.33 -4.90
CA PHE B 94 35.57 0.12 -4.81
C PHE B 94 34.17 0.64 -5.15
N GLU B 95 33.31 -0.22 -5.68
CA GLU B 95 31.90 0.12 -5.79
C GLU B 95 31.17 -0.53 -4.61
N VAL B 96 30.39 0.26 -3.89
CA VAL B 96 29.76 -0.16 -2.65
C VAL B 96 28.85 -1.38 -2.81
N PHE B 97 27.98 -1.35 -3.81
CA PHE B 97 27.00 -2.41 -3.98
C PHE B 97 27.64 -3.67 -4.59
N ASP B 98 28.68 -3.49 -5.39
CA ASP B 98 29.42 -4.62 -5.96
C ASP B 98 30.22 -5.35 -4.88
N ALA B 99 30.77 -4.58 -3.94
CA ALA B 99 31.57 -5.14 -2.86
C ALA B 99 30.69 -5.83 -1.83
N LEU B 100 29.47 -5.34 -1.67
CA LEU B 100 28.49 -5.97 -0.79
C LEU B 100 27.98 -7.27 -1.39
N MET B 101 28.04 -7.38 -2.72
CA MET B 101 27.62 -8.58 -3.41
C MET B 101 28.61 -9.72 -3.18
N VAL B 102 29.90 -9.38 -3.19
CA VAL B 102 30.97 -10.35 -2.98
C VAL B 102 31.04 -10.80 -1.52
N ASP B 103 30.88 -9.84 -0.60
CA ASP B 103 30.81 -10.13 0.83
C ASP B 103 29.69 -11.11 1.18
N SER B 104 28.62 -11.05 0.40
CA SER B 104 27.41 -11.83 0.68
C SER B 104 27.61 -13.31 0.33
N GLN B 105 28.45 -13.57 -0.67
CA GLN B 105 28.71 -14.94 -1.10
C GLN B 105 29.45 -15.73 -0.03
N LYS B 106 30.27 -15.02 0.74
CA LYS B 106 31.09 -15.64 1.77
C LYS B 106 30.33 -15.80 3.08
N HIS B 122 15.87 -24.56 -2.93
CA HIS B 122 15.71 -25.97 -3.28
C HIS B 122 14.87 -26.72 -2.25
N GLN B 123 14.15 -25.98 -1.42
CA GLN B 123 13.34 -26.58 -0.37
C GLN B 123 11.89 -26.79 -0.81
N GLU B 124 11.60 -26.47 -2.08
CA GLU B 124 10.23 -26.57 -2.59
C GLU B 124 9.58 -27.97 -2.58
N PRO B 125 10.35 -29.06 -2.86
CA PRO B 125 9.64 -30.35 -2.90
C PRO B 125 8.95 -30.69 -1.58
N TYR B 126 7.69 -31.09 -1.65
CA TYR B 126 6.92 -31.37 -0.44
C TYR B 126 7.38 -32.64 0.25
N VAL B 127 7.37 -32.62 1.58
CA VAL B 127 7.85 -33.73 2.39
C VAL B 127 6.74 -34.21 3.32
N CYS B 128 6.92 -35.39 3.90
CA CYS B 128 5.97 -36.01 4.82
C CYS B 128 5.61 -35.14 6.01
N LYS B 129 6.58 -34.37 6.50
CA LYS B 129 6.35 -33.49 7.64
C LYS B 129 5.93 -32.10 7.18
N ARG B 135 7.94 -24.69 20.89
CA ARG B 135 7.54 -23.33 20.52
C ARG B 135 6.07 -23.07 20.82
N ALA B 136 5.69 -21.80 20.77
CA ALA B 136 4.30 -21.37 20.92
C ALA B 136 3.86 -20.61 19.67
N PRO B 137 2.55 -20.63 19.37
CA PRO B 137 2.07 -19.83 18.25
C PRO B 137 2.16 -18.34 18.53
N PRO B 138 2.68 -17.55 17.58
CA PRO B 138 2.72 -16.10 17.74
C PRO B 138 1.32 -15.57 18.03
N ILE B 139 1.15 -14.76 19.06
CA ILE B 139 -0.16 -14.18 19.35
C ILE B 139 -0.59 -13.33 18.15
N LEU B 140 -1.88 -13.38 17.80
CA LEU B 140 -2.41 -12.65 16.67
C LEU B 140 -2.27 -11.14 16.88
N PRO B 141 -1.64 -10.46 15.92
CA PRO B 141 -1.57 -8.99 15.96
C PRO B 141 -2.94 -8.37 15.74
N PRO B 142 -3.36 -7.45 16.62
CA PRO B 142 -4.72 -6.90 16.59
C PRO B 142 -5.00 -6.09 15.33
N HIS B 143 -3.95 -5.75 14.58
CA HIS B 143 -4.07 -5.01 13.33
C HIS B 143 -4.93 -5.72 12.29
N LEU B 144 -4.90 -7.05 12.33
CA LEU B 144 -5.59 -7.86 11.34
C LEU B 144 -7.07 -8.00 11.63
N LEU B 145 -7.49 -7.59 12.82
CA LEU B 145 -8.90 -7.63 13.20
C LEU B 145 -9.61 -6.35 12.78
N GLN B 146 -8.88 -5.46 12.12
CA GLN B 146 -9.54 -4.30 11.53
C GLN B 146 -9.91 -4.70 10.13
N VAL B 147 -11.20 -4.90 9.92
CA VAL B 147 -11.69 -5.40 8.65
C VAL B 147 -12.24 -4.21 7.88
N ILE B 148 -11.76 -4.06 6.65
CA ILE B 148 -12.08 -2.88 5.87
C ILE B 148 -13.54 -2.90 5.38
N LEU B 149 -14.09 -4.10 5.19
CA LEU B 149 -15.47 -4.25 4.72
C LEU B 149 -16.50 -4.19 5.84
N ASN B 150 -16.07 -4.42 7.08
CA ASN B 150 -16.97 -4.31 8.23
C ASN B 150 -17.15 -2.85 8.63
N LYS B 151 -16.33 -2.00 8.03
CA LYS B 151 -16.42 -0.56 8.27
C LYS B 151 -17.51 0.07 7.42
N ASP B 152 -18.48 0.70 8.08
CA ASP B 152 -19.53 1.42 7.37
C ASP B 152 -18.97 2.75 6.87
N THR B 153 -19.38 3.14 5.67
CA THR B 153 -18.99 4.42 5.10
C THR B 153 -20.24 5.31 4.99
N GLY B 154 -20.07 6.54 4.49
CA GLY B 154 -21.17 7.49 4.44
C GLY B 154 -22.20 7.23 3.37
N ILE B 155 -23.45 7.63 3.62
CA ILE B 155 -24.54 7.40 2.66
C ILE B 155 -24.47 8.34 1.46
N SER B 156 -23.65 9.39 1.56
CA SER B 156 -23.57 10.39 0.50
C SER B 156 -22.49 10.07 -0.55
N CYS B 157 -21.74 9.00 -0.31
CA CYS B 157 -20.61 8.65 -1.16
C CYS B 157 -20.82 7.33 -1.89
N ASP B 158 -20.07 7.13 -2.96
CA ASP B 158 -20.12 5.90 -3.74
C ASP B 158 -19.90 4.67 -2.84
N PRO B 159 -20.82 3.69 -2.90
CA PRO B 159 -20.71 2.48 -2.08
C PRO B 159 -19.51 1.60 -2.44
N ALA B 160 -18.97 1.73 -3.64
CA ALA B 160 -17.81 0.94 -4.04
C ALA B 160 -16.53 1.43 -3.35
N LEU B 161 -16.58 2.63 -2.80
CA LEU B 161 -15.40 3.22 -2.15
C LEU B 161 -15.16 2.73 -0.73
N LEU B 162 -13.90 2.76 -0.31
CA LEU B 162 -13.47 2.20 0.98
C LEU B 162 -12.45 3.10 1.70
N PRO B 163 -12.27 2.89 3.01
CA PRO B 163 -11.21 3.59 3.75
C PRO B 163 -9.82 3.17 3.29
N GLU B 164 -8.81 4.00 3.56
CA GLU B 164 -7.44 3.66 3.18
C GLU B 164 -6.87 2.61 4.14
N PRO B 165 -6.40 1.48 3.61
CA PRO B 165 -5.98 0.33 4.41
C PRO B 165 -4.63 0.50 5.08
N ASN B 166 -4.46 -0.10 6.25
CA ASN B 166 -3.14 -0.26 6.84
C ASN B 166 -2.34 -1.22 5.97
N HIS B 167 -1.09 -0.84 5.65
CA HIS B 167 -0.25 -1.65 4.75
C HIS B 167 -0.07 -3.06 5.27
N VAL B 168 -0.23 -3.23 6.57
CA VAL B 168 0.01 -4.51 7.21
C VAL B 168 -1.17 -5.45 7.01
N MET B 169 -2.31 -4.88 6.62
CA MET B 169 -3.53 -5.65 6.40
C MET B 169 -3.59 -6.25 5.00
N LEU B 170 -2.74 -5.75 4.11
CA LEU B 170 -2.76 -6.14 2.70
C LEU B 170 -2.42 -7.62 2.47
N ASN B 171 -3.00 -8.18 1.41
CA ASN B 171 -2.74 -9.54 0.95
C ASN B 171 -3.30 -10.64 1.84
N HIS B 172 -3.80 -10.29 3.03
CA HIS B 172 -4.39 -11.28 3.92
C HIS B 172 -5.80 -11.69 3.46
N LEU B 173 -6.18 -12.91 3.78
CA LEU B 173 -7.47 -13.46 3.35
C LEU B 173 -8.55 -13.31 4.41
N TYR B 174 -9.65 -12.68 4.00
CA TYR B 174 -10.83 -12.54 4.85
C TYR B 174 -11.97 -13.30 4.21
N ALA B 175 -12.95 -13.71 5.00
CA ALA B 175 -14.04 -14.53 4.48
C ALA B 175 -15.32 -14.39 5.27
N LEU B 176 -16.41 -14.81 4.65
CA LEU B 176 -17.72 -14.86 5.29
C LEU B 176 -18.06 -16.30 5.63
N SER B 177 -18.81 -16.49 6.71
CA SER B 177 -19.34 -17.80 7.07
C SER B 177 -20.12 -18.36 5.89
N ILE B 178 -19.81 -19.59 5.50
CA ILE B 178 -20.43 -20.19 4.30
C ILE B 178 -21.94 -20.32 4.46
N LYS B 179 -22.69 -19.78 3.51
CA LYS B 179 -24.15 -19.80 3.56
C LYS B 179 -24.76 -20.05 2.18
N ASP B 180 -25.82 -20.85 2.15
CA ASP B 180 -26.49 -21.27 0.91
C ASP B 180 -25.53 -22.00 -0.03
N GLY B 181 -24.57 -22.71 0.54
CA GLY B 181 -23.60 -23.45 -0.24
C GLY B 181 -22.66 -22.55 -1.02
N VAL B 182 -22.57 -21.29 -0.61
CA VAL B 182 -21.72 -20.31 -1.28
C VAL B 182 -20.68 -19.71 -0.33
N MET B 183 -19.43 -19.70 -0.78
CA MET B 183 -18.34 -19.15 0.00
C MET B 183 -17.89 -17.80 -0.55
N VAL B 184 -17.67 -16.84 0.35
CA VAL B 184 -17.28 -15.49 -0.04
C VAL B 184 -15.91 -15.10 0.51
N LEU B 185 -14.95 -14.91 -0.40
CA LEU B 185 -13.57 -14.60 -0.01
C LEU B 185 -13.19 -13.18 -0.36
N SER B 186 -12.31 -12.56 0.44
CA SER B 186 -11.86 -11.21 0.12
C SER B 186 -10.45 -10.89 0.61
N ALA B 187 -9.77 -10.05 -0.15
CA ALA B 187 -8.46 -9.55 0.21
C ALA B 187 -8.23 -8.18 -0.41
N THR B 188 -7.48 -7.33 0.29
CA THR B 188 -7.11 -6.04 -0.27
C THR B 188 -5.70 -6.09 -0.82
N HIS B 189 -5.54 -5.75 -2.09
CA HIS B 189 -4.22 -5.69 -2.72
C HIS B 189 -3.93 -4.27 -3.17
N ARG B 190 -2.66 -3.94 -3.31
CA ARG B 190 -2.27 -2.61 -3.72
C ARG B 190 -1.84 -2.60 -5.18
N TYR B 191 -2.23 -1.55 -5.90
CA TYR B 191 -1.69 -1.31 -7.23
C TYR B 191 -1.16 0.12 -7.28
N LYS B 192 0.17 0.24 -7.33
CA LYS B 192 0.84 1.52 -7.21
C LYS B 192 0.42 2.27 -5.95
N LYS B 193 -0.18 3.44 -6.12
CA LYS B 193 -0.65 4.23 -4.99
C LYS B 193 -2.13 3.97 -4.69
N LYS B 194 -2.74 3.02 -5.39
CA LYS B 194 -4.15 2.71 -5.23
C LYS B 194 -4.39 1.33 -4.63
N TYR B 195 -5.54 1.14 -3.99
CA TYR B 195 -5.88 -0.14 -3.38
C TYR B 195 -7.20 -0.70 -3.91
N VAL B 196 -7.24 -2.01 -4.15
CA VAL B 196 -8.46 -2.66 -4.59
C VAL B 196 -8.84 -3.81 -3.67
N THR B 197 -10.00 -3.71 -3.03
CA THR B 197 -10.51 -4.82 -2.25
C THR B 197 -11.42 -5.67 -3.13
N THR B 198 -11.02 -6.92 -3.36
CA THR B 198 -11.74 -7.79 -4.27
C THR B 198 -12.54 -8.84 -3.52
N LEU B 199 -13.80 -8.99 -3.90
CA LEU B 199 -14.67 -10.02 -3.35
C LEU B 199 -14.93 -11.07 -4.41
N LEU B 200 -14.80 -12.33 -4.04
CA LEU B 200 -15.12 -13.41 -4.96
C LEU B 200 -16.27 -14.24 -4.41
N TYR B 201 -17.24 -14.51 -5.26
CA TYR B 201 -18.34 -15.39 -4.91
C TYR B 201 -18.14 -16.72 -5.62
N LYS B 202 -17.91 -17.76 -4.83
CA LYS B 202 -17.68 -19.09 -5.38
C LYS B 202 -18.59 -20.06 -4.65
N PRO B 203 -19.22 -20.98 -5.38
CA PRO B 203 -20.00 -22.01 -4.68
C PRO B 203 -19.11 -23.13 -4.15
N ILE B 204 -19.54 -23.78 -3.07
CA ILE B 204 -18.85 -24.96 -2.55
C ILE B 204 -19.18 -26.19 -3.39
N ASN C 26 -7.60 17.87 -33.42
CA ASN C 26 -8.31 17.41 -32.23
C ASN C 26 -9.42 18.36 -31.82
N SER C 27 -9.92 18.16 -30.60
CA SER C 27 -10.84 19.08 -29.98
C SER C 27 -10.16 19.56 -28.71
N VAL C 28 -10.65 20.65 -28.14
CA VAL C 28 -10.13 21.11 -26.88
C VAL C 28 -10.17 20.03 -25.82
N TYR C 29 -11.36 19.44 -25.67
CA TYR C 29 -11.60 18.44 -24.64
C TYR C 29 -11.03 17.08 -25.02
N THR C 30 -10.87 16.84 -26.32
CA THR C 30 -10.33 15.59 -26.82
C THR C 30 -8.84 15.44 -26.48
N SER C 31 -8.11 16.55 -26.55
CA SER C 31 -6.70 16.56 -26.18
C SER C 31 -6.54 16.07 -24.74
N PHE C 32 -7.37 16.61 -23.85
CA PHE C 32 -7.37 16.25 -22.45
C PHE C 32 -7.58 14.76 -22.21
N MET C 33 -8.53 14.19 -22.94
CA MET C 33 -8.87 12.77 -22.79
C MET C 33 -7.77 11.84 -23.31
N LYS C 34 -7.00 12.30 -24.29
CA LYS C 34 -5.90 11.51 -24.82
C LYS C 34 -4.69 11.56 -23.90
N SER C 35 -4.61 12.63 -23.12
CA SER C 35 -3.49 12.83 -22.21
C SER C 35 -3.52 11.88 -21.03
N HIS C 36 -4.67 11.80 -20.37
CA HIS C 36 -4.76 11.14 -19.06
C HIS C 36 -5.04 9.66 -19.16
N ARG C 37 -4.30 8.89 -18.38
CA ARG C 37 -4.48 7.45 -18.27
C ARG C 37 -5.76 7.15 -17.50
N CYS C 38 -6.25 5.92 -17.62
CA CYS C 38 -7.39 5.47 -16.84
C CYS C 38 -7.06 5.40 -15.35
N TYR C 39 -5.79 5.16 -15.04
CA TYR C 39 -5.31 5.13 -13.66
C TYR C 39 -5.68 6.43 -12.93
N ASP C 40 -5.72 7.52 -13.68
CA ASP C 40 -6.06 8.83 -13.12
C ASP C 40 -7.45 8.86 -12.50
N LEU C 41 -8.36 8.06 -13.08
CA LEU C 41 -9.73 7.98 -12.60
C LEU C 41 -9.93 7.05 -11.41
N ILE C 42 -9.10 6.00 -11.31
CA ILE C 42 -9.23 5.02 -10.25
C ILE C 42 -9.02 5.64 -8.87
N PRO C 43 -10.02 5.50 -8.00
CA PRO C 43 -9.97 6.06 -6.65
C PRO C 43 -8.95 5.36 -5.77
N THR C 44 -8.55 6.01 -4.68
CA THR C 44 -7.50 5.52 -3.80
C THR C 44 -7.78 4.10 -3.28
N SER C 45 -8.97 3.92 -2.71
CA SER C 45 -9.36 2.61 -2.20
C SER C 45 -10.80 2.31 -2.62
N SER C 46 -10.99 1.21 -3.35
CA SER C 46 -12.31 0.85 -3.84
C SER C 46 -12.62 -0.63 -3.67
N LYS C 47 -13.89 -0.96 -3.81
CA LYS C 47 -14.37 -2.33 -3.69
C LYS C 47 -14.73 -2.89 -5.07
N LEU C 48 -14.38 -4.14 -5.32
CA LEU C 48 -14.72 -4.80 -6.57
C LEU C 48 -15.33 -6.18 -6.30
N VAL C 49 -16.50 -6.44 -6.88
CA VAL C 49 -17.15 -7.73 -6.71
C VAL C 49 -16.98 -8.59 -7.97
N VAL C 50 -16.67 -9.86 -7.78
CA VAL C 50 -16.46 -10.78 -8.89
C VAL C 50 -17.28 -12.05 -8.67
N PHE C 51 -17.83 -12.58 -9.75
CA PHE C 51 -18.64 -13.79 -9.70
C PHE C 51 -18.01 -14.94 -10.45
N ASP C 52 -17.88 -16.09 -9.79
CA ASP C 52 -17.59 -17.33 -10.49
C ASP C 52 -18.80 -17.63 -11.37
N THR C 53 -18.57 -18.06 -12.60
CA THR C 53 -19.68 -18.31 -13.53
C THR C 53 -20.53 -19.50 -13.11
N SER C 54 -20.02 -20.31 -12.21
CA SER C 54 -20.76 -21.48 -11.72
C SER C 54 -21.74 -21.07 -10.62
N LEU C 55 -21.75 -19.79 -10.30
CA LEU C 55 -22.61 -19.28 -9.24
C LEU C 55 -24.08 -19.18 -9.68
N GLN C 56 -24.98 -19.58 -8.78
CA GLN C 56 -26.41 -19.49 -9.02
C GLN C 56 -26.80 -18.05 -9.31
N VAL C 57 -27.46 -17.83 -10.45
CA VAL C 57 -27.61 -16.49 -10.98
C VAL C 57 -28.51 -15.62 -10.09
N LYS C 58 -29.39 -16.23 -9.31
CA LYS C 58 -30.21 -15.48 -8.38
C LYS C 58 -29.36 -14.92 -7.25
N LYS C 59 -28.47 -15.77 -6.74
CA LYS C 59 -27.57 -15.41 -5.65
C LYS C 59 -26.68 -14.24 -6.08
N ALA C 60 -26.34 -14.19 -7.37
CA ALA C 60 -25.48 -13.13 -7.90
C ALA C 60 -26.19 -11.78 -7.87
N PHE C 61 -27.43 -11.73 -8.35
CA PHE C 61 -28.19 -10.48 -8.35
C PHE C 61 -28.45 -9.97 -6.94
N PHE C 62 -28.56 -10.89 -5.98
CA PHE C 62 -28.67 -10.50 -4.58
C PHE C 62 -27.35 -9.89 -4.10
N ALA C 63 -26.23 -10.50 -4.50
CA ALA C 63 -24.91 -10.01 -4.10
C ALA C 63 -24.71 -8.57 -4.56
N LEU C 64 -25.08 -8.28 -5.80
CA LEU C 64 -24.99 -6.93 -6.34
C LEU C 64 -25.73 -5.93 -5.45
N VAL C 65 -26.88 -6.34 -4.95
CA VAL C 65 -27.66 -5.51 -4.04
C VAL C 65 -26.97 -5.38 -2.68
N THR C 66 -26.56 -6.52 -2.13
CA THR C 66 -25.86 -6.59 -0.85
C THR C 66 -24.65 -5.64 -0.81
N ASN C 67 -23.79 -5.73 -1.82
CA ASN C 67 -22.56 -4.95 -1.86
C ASN C 67 -22.73 -3.58 -2.50
N GLY C 68 -23.96 -3.27 -2.89
CA GLY C 68 -24.29 -1.96 -3.42
C GLY C 68 -23.57 -1.58 -4.69
N VAL C 69 -23.43 -2.53 -5.60
CA VAL C 69 -22.78 -2.28 -6.88
C VAL C 69 -23.70 -2.71 -8.03
N ARG C 70 -23.63 -1.99 -9.14
CA ARG C 70 -24.47 -2.28 -10.29
C ARG C 70 -23.98 -3.41 -11.20
N ALA C 71 -22.67 -3.62 -11.26
CA ALA C 71 -22.12 -4.60 -12.19
C ALA C 71 -20.92 -5.33 -11.59
N ALA C 72 -20.65 -6.53 -12.11
CA ALA C 72 -19.53 -7.33 -11.64
C ALA C 72 -18.88 -8.15 -12.76
N PRO C 73 -17.56 -8.31 -12.71
CA PRO C 73 -16.88 -9.22 -13.65
C PRO C 73 -17.22 -10.68 -13.41
N LEU C 74 -17.14 -11.48 -14.46
CA LEU C 74 -17.45 -12.90 -14.38
C LEU C 74 -16.19 -13.74 -14.60
N TRP C 75 -15.96 -14.70 -13.72
CA TRP C 75 -14.75 -15.51 -13.75
C TRP C 75 -15.06 -16.98 -13.99
N ASP C 76 -14.45 -17.55 -15.02
CA ASP C 76 -14.62 -18.97 -15.31
C ASP C 76 -13.41 -19.74 -14.81
N SER C 77 -13.62 -20.55 -13.77
CA SER C 77 -12.55 -21.35 -13.19
C SER C 77 -11.94 -22.30 -14.21
N LYS C 78 -12.79 -22.87 -15.06
CA LYS C 78 -12.35 -23.80 -16.10
C LYS C 78 -11.38 -23.13 -17.07
N LYS C 79 -11.71 -21.91 -17.48
CA LYS C 79 -10.90 -21.19 -18.45
C LYS C 79 -9.86 -20.30 -17.79
N GLN C 80 -9.95 -20.15 -16.48
CA GLN C 80 -9.07 -19.27 -15.72
C GLN C 80 -8.96 -17.89 -16.38
N SER C 81 -10.10 -17.28 -16.66
CA SER C 81 -10.15 -15.98 -17.32
C SER C 81 -11.41 -15.21 -16.96
N PHE C 82 -11.39 -13.90 -17.22
CA PHE C 82 -12.60 -13.10 -17.05
C PHE C 82 -13.35 -13.15 -18.36
N VAL C 83 -14.48 -13.85 -18.36
CA VAL C 83 -15.26 -14.10 -19.55
C VAL C 83 -16.20 -12.95 -19.91
N GLY C 84 -16.72 -12.26 -18.91
CA GLY C 84 -17.67 -11.18 -19.16
C GLY C 84 -18.13 -10.38 -17.94
N MET C 85 -19.22 -9.64 -18.13
CA MET C 85 -19.77 -8.77 -17.08
C MET C 85 -21.25 -9.06 -16.82
N LEU C 86 -21.64 -9.06 -15.55
CA LEU C 86 -23.04 -9.23 -15.17
C LEU C 86 -23.63 -7.92 -14.68
N THR C 87 -24.65 -7.44 -15.37
CA THR C 87 -25.26 -6.16 -15.05
C THR C 87 -26.76 -6.30 -14.75
N ILE C 88 -27.40 -5.18 -14.45
CA ILE C 88 -28.83 -5.18 -14.14
C ILE C 88 -29.66 -5.44 -15.40
N THR C 89 -29.08 -5.16 -16.56
CA THR C 89 -29.73 -5.45 -17.84
C THR C 89 -29.98 -6.95 -17.97
N ASP C 90 -29.05 -7.76 -17.46
CA ASP C 90 -29.19 -9.21 -17.51
C ASP C 90 -30.37 -9.67 -16.65
N PHE C 91 -30.55 -9.01 -15.50
CA PHE C 91 -31.68 -9.29 -14.62
C PHE C 91 -32.99 -8.95 -15.30
N ILE C 92 -32.96 -7.91 -16.14
CA ILE C 92 -34.15 -7.52 -16.88
C ILE C 92 -34.43 -8.53 -18.00
N ASN C 93 -33.39 -8.96 -18.70
CA ASN C 93 -33.56 -9.97 -19.74
C ASN C 93 -34.12 -11.28 -19.17
N ILE C 94 -33.60 -11.69 -18.02
CA ILE C 94 -34.03 -12.94 -17.39
C ILE C 94 -35.49 -12.84 -16.95
N LEU C 95 -35.82 -11.78 -16.23
CA LEU C 95 -37.20 -11.58 -15.78
C LEU C 95 -38.17 -11.61 -16.95
N HIS C 96 -37.88 -10.86 -18.00
CA HIS C 96 -38.80 -10.76 -19.12
C HIS C 96 -38.99 -12.07 -19.86
N ARG C 97 -37.91 -12.83 -20.02
CA ARG C 97 -37.97 -14.07 -20.79
C ARG C 97 -38.78 -15.13 -20.06
N TYR C 98 -38.49 -15.30 -18.78
CA TYR C 98 -39.05 -16.44 -18.04
C TYR C 98 -40.25 -16.12 -17.16
N TYR C 99 -40.64 -14.85 -17.08
CA TYR C 99 -41.81 -14.50 -16.27
C TYR C 99 -43.09 -15.01 -16.93
N LYS C 100 -43.94 -15.64 -16.12
CA LYS C 100 -45.16 -16.24 -16.61
C LYS C 100 -46.36 -15.61 -15.91
N SER C 101 -46.43 -15.73 -14.59
CA SER C 101 -47.40 -14.98 -13.81
C SER C 101 -46.99 -14.85 -12.34
N ALA C 102 -47.66 -13.96 -11.63
CA ALA C 102 -47.44 -13.80 -10.19
C ALA C 102 -47.74 -15.08 -9.41
N LEU C 103 -48.54 -15.98 -10.01
CA LEU C 103 -48.94 -17.22 -9.36
C LEU C 103 -47.88 -18.33 -9.42
N VAL C 104 -46.95 -18.23 -10.37
CA VAL C 104 -45.95 -19.27 -10.53
C VAL C 104 -44.54 -18.70 -10.42
N GLN C 105 -43.71 -19.33 -9.60
CA GLN C 105 -42.34 -18.89 -9.39
C GLN C 105 -41.56 -18.96 -10.69
N ILE C 106 -40.52 -18.13 -10.79
CA ILE C 106 -39.70 -18.14 -11.98
C ILE C 106 -38.57 -19.12 -11.75
N TYR C 107 -38.65 -20.26 -12.43
CA TYR C 107 -37.76 -21.38 -12.12
C TYR C 107 -36.36 -21.07 -12.61
N GLU C 108 -36.26 -20.55 -13.82
CA GLU C 108 -34.99 -20.28 -14.45
C GLU C 108 -34.17 -19.28 -13.64
N LEU C 109 -34.82 -18.29 -13.04
CA LEU C 109 -34.12 -17.37 -12.16
C LEU C 109 -33.54 -18.11 -10.96
N GLU C 110 -34.34 -19.00 -10.38
CA GLU C 110 -33.93 -19.71 -9.18
C GLU C 110 -32.94 -20.85 -9.45
N GLU C 111 -33.18 -21.63 -10.51
CA GLU C 111 -32.36 -22.79 -10.80
C GLU C 111 -31.05 -22.48 -11.54
N HIS C 112 -31.06 -21.49 -12.43
CA HIS C 112 -29.92 -21.28 -13.34
C HIS C 112 -28.61 -20.83 -12.66
N LYS C 113 -27.52 -21.05 -13.39
CA LYS C 113 -26.21 -20.52 -13.04
C LYS C 113 -25.82 -19.52 -14.12
N ILE C 114 -24.90 -18.64 -13.81
CA ILE C 114 -24.50 -17.58 -14.73
C ILE C 114 -24.05 -18.14 -16.08
N GLU C 115 -23.31 -19.25 -16.05
CA GLU C 115 -22.84 -19.88 -17.28
C GLU C 115 -24.01 -20.46 -18.10
N THR C 116 -25.00 -21.01 -17.40
CA THR C 116 -26.15 -21.60 -18.08
C THR C 116 -26.96 -20.53 -18.82
N TRP C 117 -27.19 -19.40 -18.17
CA TRP C 117 -27.96 -18.35 -18.81
C TRP C 117 -27.14 -17.60 -19.86
N ARG C 118 -25.83 -17.59 -19.71
CA ARG C 118 -24.99 -16.98 -20.73
C ARG C 118 -25.09 -17.80 -22.02
N GLU C 119 -25.16 -19.11 -21.88
CA GLU C 119 -25.22 -20.00 -23.03
C GLU C 119 -26.57 -19.90 -23.73
N VAL C 120 -27.62 -19.74 -22.94
CA VAL C 120 -28.96 -19.51 -23.47
C VAL C 120 -29.06 -18.14 -24.14
N TYR C 121 -28.71 -17.10 -23.39
CA TYR C 121 -28.84 -15.74 -23.89
C TYR C 121 -27.99 -15.51 -25.14
N LEU C 122 -26.78 -16.06 -25.13
CA LEU C 122 -25.91 -15.96 -26.29
C LEU C 122 -25.81 -17.28 -27.04
N GLN C 123 -26.44 -17.35 -28.21
CA GLN C 123 -26.24 -18.49 -29.10
C GLN C 123 -24.96 -18.29 -29.88
N ASP C 124 -24.65 -17.03 -30.19
CA ASP C 124 -23.42 -16.67 -30.86
C ASP C 124 -22.25 -16.72 -29.89
N SER C 125 -21.11 -17.21 -30.38
CA SER C 125 -19.88 -17.29 -29.60
C SER C 125 -19.04 -16.02 -29.77
N PHE C 126 -19.61 -15.01 -30.43
CA PHE C 126 -18.88 -13.78 -30.74
C PHE C 126 -18.48 -12.92 -29.54
N LYS C 127 -19.45 -12.51 -28.72
CA LYS C 127 -19.24 -11.44 -27.74
C LYS C 127 -18.10 -11.69 -26.77
N PRO C 128 -17.04 -10.87 -26.85
CA PRO C 128 -15.96 -10.97 -25.87
C PRO C 128 -16.16 -10.00 -24.70
N LEU C 129 -15.28 -10.11 -23.71
CA LEU C 129 -15.25 -9.15 -22.62
C LEU C 129 -14.48 -7.92 -23.07
N VAL C 130 -15.11 -6.75 -22.96
CA VAL C 130 -14.46 -5.51 -23.37
C VAL C 130 -13.77 -4.89 -22.18
N CYS C 131 -12.43 -4.85 -22.21
CA CYS C 131 -11.67 -4.30 -21.10
C CYS C 131 -10.65 -3.28 -21.56
N ILE C 132 -10.16 -2.47 -20.64
CA ILE C 132 -9.17 -1.46 -20.96
C ILE C 132 -8.03 -1.47 -19.94
N SER C 133 -6.81 -1.19 -20.40
CA SER C 133 -5.63 -1.12 -19.56
C SER C 133 -5.58 0.21 -18.81
N PRO C 134 -5.03 0.21 -17.58
CA PRO C 134 -4.91 1.45 -16.81
C PRO C 134 -4.01 2.49 -17.50
N ASN C 135 -3.06 2.03 -18.29
CA ASN C 135 -2.15 2.92 -19.00
C ASN C 135 -2.83 3.62 -20.16
N ALA C 136 -3.79 2.93 -20.78
CA ALA C 136 -4.54 3.47 -21.91
C ALA C 136 -5.24 4.78 -21.52
N SER C 137 -5.35 5.69 -22.48
CA SER C 137 -5.91 7.01 -22.24
C SER C 137 -7.42 6.98 -22.08
N LEU C 138 -7.97 8.04 -21.49
CA LEU C 138 -9.42 8.17 -21.29
C LEU C 138 -10.18 8.26 -22.61
N PHE C 139 -9.58 8.93 -23.58
CA PHE C 139 -10.18 9.05 -24.90
C PHE C 139 -10.47 7.67 -25.44
N ASP C 140 -9.48 6.79 -25.38
CA ASP C 140 -9.62 5.41 -25.83
C ASP C 140 -10.71 4.67 -25.07
N ALA C 141 -10.93 5.07 -23.82
CA ALA C 141 -11.97 4.47 -22.98
C ALA C 141 -13.35 4.93 -23.38
N VAL C 142 -13.47 6.23 -23.64
CA VAL C 142 -14.73 6.82 -24.10
C VAL C 142 -15.13 6.22 -25.45
N SER C 143 -14.14 5.98 -26.31
CA SER C 143 -14.38 5.33 -27.59
C SER C 143 -14.98 3.94 -27.41
N SER C 144 -14.32 3.13 -26.59
CA SER C 144 -14.71 1.74 -26.39
C SER C 144 -16.10 1.57 -25.77
N LEU C 145 -16.51 2.54 -24.96
CA LEU C 145 -17.85 2.54 -24.38
C LEU C 145 -18.90 2.76 -25.46
N ILE C 146 -18.59 3.67 -26.38
CA ILE C 146 -19.48 4.02 -27.47
C ILE C 146 -19.47 2.97 -28.56
N ARG C 147 -18.31 2.40 -28.86
CA ARG C 147 -18.18 1.35 -29.88
C ARG C 147 -19.07 0.15 -29.58
N ASN C 148 -18.97 -0.39 -28.37
CA ASN C 148 -19.76 -1.55 -27.98
C ASN C 148 -21.08 -1.18 -27.32
N LYS C 149 -21.29 0.12 -27.12
CA LYS C 149 -22.52 0.64 -26.52
C LYS C 149 -22.81 -0.02 -25.18
N ILE C 150 -21.81 -0.04 -24.30
CA ILE C 150 -21.95 -0.54 -22.94
C ILE C 150 -21.68 0.59 -21.96
N HIS C 151 -22.24 0.47 -20.75
CA HIS C 151 -22.02 1.49 -19.72
C HIS C 151 -20.96 1.10 -18.68
N ARG C 152 -20.46 -0.13 -18.76
CA ARG C 152 -19.45 -0.58 -17.81
C ARG C 152 -18.17 -1.01 -18.54
N LEU C 153 -17.06 -0.37 -18.20
CA LEU C 153 -15.76 -0.77 -18.71
C LEU C 153 -14.82 -1.19 -17.58
N PRO C 154 -14.58 -2.51 -17.44
CA PRO C 154 -13.64 -2.93 -16.40
C PRO C 154 -12.19 -2.63 -16.77
N VAL C 155 -11.44 -2.08 -15.83
CA VAL C 155 -10.02 -1.77 -16.06
C VAL C 155 -9.15 -2.90 -15.53
N ILE C 156 -8.44 -3.56 -16.45
CA ILE C 156 -7.62 -4.71 -16.11
C ILE C 156 -6.14 -4.47 -16.39
N ASP C 157 -5.29 -4.78 -15.41
CA ASP C 157 -3.85 -4.67 -15.58
C ASP C 157 -3.31 -5.88 -16.34
N PRO C 158 -2.66 -5.62 -17.49
CA PRO C 158 -2.14 -6.72 -18.33
C PRO C 158 -1.07 -7.56 -17.63
N GLU C 159 -0.29 -6.95 -16.75
CA GLU C 159 0.79 -7.66 -16.07
C GLU C 159 0.27 -8.61 -14.99
N SER C 160 -0.56 -8.10 -14.08
CA SER C 160 -1.05 -8.90 -12.96
C SER C 160 -2.20 -9.81 -13.34
N GLY C 161 -2.98 -9.39 -14.34
CA GLY C 161 -4.17 -10.12 -14.74
C GLY C 161 -5.36 -9.78 -13.87
N ASN C 162 -5.15 -8.89 -12.90
CA ASN C 162 -6.19 -8.51 -11.95
C ASN C 162 -7.05 -7.36 -12.45
N THR C 163 -8.36 -7.44 -12.22
CA THR C 163 -9.28 -6.36 -12.55
C THR C 163 -9.21 -5.29 -11.48
N LEU C 164 -8.81 -4.08 -11.88
CA LEU C 164 -8.62 -2.98 -10.93
C LEU C 164 -9.85 -2.15 -10.60
N TYR C 165 -10.62 -1.80 -11.62
CA TYR C 165 -11.72 -0.86 -11.44
C TYR C 165 -12.75 -0.97 -12.56
N ILE C 166 -13.97 -0.51 -12.30
CA ILE C 166 -15.02 -0.52 -13.30
C ILE C 166 -15.36 0.90 -13.71
N LEU C 167 -15.03 1.25 -14.95
CA LEU C 167 -15.18 2.62 -15.43
C LEU C 167 -16.58 2.89 -15.97
N THR C 168 -17.12 4.07 -15.66
CA THR C 168 -18.46 4.42 -16.15
C THR C 168 -18.50 5.82 -16.77
N HIS C 169 -19.58 6.09 -17.51
CA HIS C 169 -19.82 7.40 -18.11
C HIS C 169 -19.79 8.50 -17.06
N LYS C 170 -20.44 8.23 -15.93
CA LYS C 170 -20.63 9.24 -14.89
C LYS C 170 -19.32 9.63 -14.25
N ARG C 171 -18.44 8.65 -14.03
CA ARG C 171 -17.13 8.90 -13.47
C ARG C 171 -16.36 9.85 -14.38
N ILE C 172 -16.39 9.54 -15.68
CA ILE C 172 -15.61 10.28 -16.67
C ILE C 172 -16.08 11.73 -16.88
N LEU C 173 -17.39 11.92 -16.97
CA LEU C 173 -17.93 13.27 -17.16
C LEU C 173 -17.71 14.13 -15.92
N LYS C 174 -17.77 13.50 -14.76
CA LYS C 174 -17.52 14.19 -13.50
C LYS C 174 -16.09 14.72 -13.55
N PHE C 175 -15.17 13.89 -14.04
CA PHE C 175 -13.76 14.27 -14.18
C PHE C 175 -13.59 15.45 -15.10
N LEU C 176 -14.19 15.34 -16.28
CA LEU C 176 -14.07 16.38 -17.28
C LEU C 176 -14.64 17.70 -16.79
N LYS C 177 -15.79 17.64 -16.11
CA LYS C 177 -16.50 18.85 -15.70
C LYS C 177 -15.56 19.80 -14.96
N LEU C 178 -14.77 19.26 -14.04
CA LEU C 178 -13.81 20.07 -13.31
C LEU C 178 -12.79 20.65 -14.28
N PHE C 179 -12.36 19.86 -15.25
CA PHE C 179 -11.40 20.33 -16.24
C PHE C 179 -12.03 21.32 -17.23
N ILE C 180 -13.31 21.16 -17.51
CA ILE C 180 -14.01 22.04 -18.45
C ILE C 180 -14.06 23.47 -17.92
N THR C 181 -14.20 23.61 -16.61
CA THR C 181 -14.24 24.93 -15.97
C THR C 181 -12.89 25.64 -16.06
N GLU C 182 -11.80 24.88 -15.94
CA GLU C 182 -10.46 25.46 -16.00
C GLU C 182 -10.16 26.00 -17.40
N PHE C 183 -10.45 25.21 -18.42
CA PHE C 183 -10.25 25.66 -19.79
C PHE C 183 -11.22 26.82 -20.11
N PRO C 184 -10.78 27.76 -20.94
CA PRO C 184 -11.56 28.88 -21.50
C PRO C 184 -12.88 28.44 -22.14
N LYS C 185 -14.00 29.11 -21.85
CA LYS C 185 -15.30 28.70 -22.40
C LYS C 185 -15.35 28.71 -23.92
N PRO C 186 -15.51 27.53 -24.55
CA PRO C 186 -15.69 27.45 -26.01
C PRO C 186 -17.08 27.89 -26.45
N GLU C 187 -17.24 28.09 -27.75
CA GLU C 187 -18.51 28.52 -28.34
C GLU C 187 -19.61 27.44 -28.29
N PHE C 188 -19.21 26.16 -28.32
CA PHE C 188 -20.16 25.04 -28.26
C PHE C 188 -21.14 25.23 -27.11
N MET C 189 -20.57 25.47 -25.93
CA MET C 189 -21.32 25.66 -24.71
C MET C 189 -22.31 26.81 -24.84
N SER C 190 -21.97 27.81 -25.64
CA SER C 190 -22.85 28.97 -25.80
C SER C 190 -24.11 28.58 -26.58
N LYS C 191 -23.97 27.65 -27.51
CA LYS C 191 -25.07 27.28 -28.40
C LYS C 191 -26.14 26.41 -27.74
N SER C 192 -27.38 26.56 -28.19
CA SER C 192 -28.53 25.85 -27.64
C SER C 192 -28.68 24.43 -28.19
N LEU C 193 -29.36 23.59 -27.43
CA LEU C 193 -29.39 22.15 -27.68
C LEU C 193 -29.98 21.72 -29.03
N GLU C 194 -30.96 22.46 -29.55
CA GLU C 194 -31.52 22.11 -30.86
C GLU C 194 -30.51 22.41 -31.97
N GLU C 195 -29.83 23.56 -31.87
CA GLU C 195 -28.77 23.89 -32.81
C GLU C 195 -27.66 22.85 -32.76
N LEU C 196 -27.32 22.45 -31.53
CA LEU C 196 -26.23 21.50 -31.31
C LEU C 196 -26.58 20.09 -31.78
N GLN C 197 -27.87 19.78 -31.81
CA GLN C 197 -28.40 18.48 -32.24
C GLN C 197 -27.96 17.30 -31.37
N ILE C 198 -27.64 17.57 -30.10
CA ILE C 198 -27.17 16.50 -29.21
C ILE C 198 -28.33 15.74 -28.55
N GLY C 199 -28.27 14.41 -28.58
CA GLY C 199 -29.27 13.59 -27.93
C GLY C 199 -30.24 12.91 -28.88
N THR C 200 -31.18 12.16 -28.33
CA THR C 200 -32.16 11.43 -29.13
C THR C 200 -33.55 12.06 -29.08
N TYR C 201 -33.96 12.66 -30.20
CA TYR C 201 -35.24 13.36 -30.30
C TYR C 201 -36.35 12.60 -31.02
N ALA C 202 -36.09 11.36 -31.43
CA ALA C 202 -37.11 10.59 -32.14
C ALA C 202 -37.15 9.12 -31.71
N ASN C 203 -38.31 8.50 -31.84
CA ASN C 203 -38.53 7.10 -31.45
C ASN C 203 -38.31 6.90 -29.96
N ILE C 204 -38.86 7.81 -29.16
CA ILE C 204 -38.69 7.78 -27.72
C ILE C 204 -39.53 6.69 -27.06
N ALA C 205 -38.87 5.81 -26.31
CA ALA C 205 -39.57 4.76 -25.60
C ALA C 205 -40.08 5.27 -24.26
N MET C 206 -41.40 5.25 -24.09
CA MET C 206 -42.04 5.73 -22.86
C MET C 206 -43.06 4.72 -22.35
N VAL C 207 -43.54 4.92 -21.12
CA VAL C 207 -44.61 4.10 -20.56
C VAL C 207 -45.65 4.97 -19.90
N ARG C 208 -46.87 4.45 -19.78
CA ARG C 208 -47.94 5.11 -19.06
C ARG C 208 -47.75 4.96 -17.55
N THR C 209 -48.41 5.81 -16.78
CA THR C 209 -48.42 5.69 -15.34
C THR C 209 -48.95 4.33 -14.90
N THR C 210 -49.88 3.79 -15.70
CA THR C 210 -50.55 2.54 -15.37
C THR C 210 -49.91 1.32 -16.03
N THR C 211 -48.86 1.54 -16.81
CA THR C 211 -48.16 0.46 -17.50
C THR C 211 -47.54 -0.50 -16.49
N PRO C 212 -47.76 -1.81 -16.68
CA PRO C 212 -47.15 -2.81 -15.80
C PRO C 212 -45.64 -2.89 -15.96
N VAL C 213 -44.95 -3.22 -14.88
CA VAL C 213 -43.50 -3.34 -14.88
C VAL C 213 -43.05 -4.35 -15.94
N TYR C 214 -43.78 -5.45 -16.05
CA TYR C 214 -43.45 -6.47 -17.04
C TYR C 214 -43.38 -5.88 -18.45
N VAL C 215 -44.36 -5.06 -18.81
CA VAL C 215 -44.41 -4.42 -20.11
C VAL C 215 -43.26 -3.45 -20.28
N ALA C 216 -42.95 -2.73 -19.19
CA ALA C 216 -41.81 -1.82 -19.16
C ALA C 216 -40.52 -2.59 -19.40
N LEU C 217 -40.38 -3.75 -18.76
CA LEU C 217 -39.22 -4.60 -18.96
C LEU C 217 -39.11 -4.99 -20.42
N GLY C 218 -40.25 -5.37 -21.01
CA GLY C 218 -40.30 -5.74 -22.40
C GLY C 218 -39.75 -4.63 -23.29
N ILE C 219 -40.01 -3.38 -22.89
CA ILE C 219 -39.58 -2.23 -23.67
C ILE C 219 -38.07 -2.00 -23.51
N PHE C 220 -37.53 -2.26 -22.31
CA PHE C 220 -36.08 -2.21 -22.11
C PHE C 220 -35.35 -3.14 -23.06
N VAL C 221 -35.86 -4.35 -23.19
CA VAL C 221 -35.21 -5.37 -24.00
C VAL C 221 -35.18 -4.99 -25.48
N GLN C 222 -36.30 -4.47 -25.98
CA GLN C 222 -36.42 -4.19 -27.41
C GLN C 222 -35.75 -2.90 -27.83
N HIS C 223 -35.81 -1.86 -27.00
CA HIS C 223 -35.19 -0.58 -27.33
C HIS C 223 -33.76 -0.40 -26.79
N ARG C 224 -33.33 -1.29 -25.89
CA ARG C 224 -32.01 -1.21 -25.26
C ARG C 224 -31.67 0.20 -24.74
N VAL C 225 -32.61 0.80 -24.02
CA VAL C 225 -32.39 2.13 -23.44
C VAL C 225 -32.37 2.04 -21.91
N SER C 226 -31.65 2.97 -21.27
CA SER C 226 -31.42 2.88 -19.82
C SER C 226 -32.65 3.28 -18.98
N ALA C 227 -33.49 4.15 -19.52
CA ALA C 227 -34.67 4.58 -18.76
C ALA C 227 -35.85 4.99 -19.65
N LEU C 228 -37.04 4.81 -19.11
CA LEU C 228 -38.30 5.14 -19.79
C LEU C 228 -39.03 6.25 -19.07
N PRO C 229 -39.28 7.38 -19.75
CA PRO C 229 -40.11 8.42 -19.13
C PRO C 229 -41.53 7.93 -18.88
N VAL C 230 -42.10 8.31 -17.74
CA VAL C 230 -43.46 7.93 -17.43
C VAL C 230 -44.40 9.10 -17.74
N VAL C 231 -45.26 8.92 -18.74
CA VAL C 231 -46.10 10.01 -19.22
C VAL C 231 -47.57 9.78 -18.87
N ASP C 232 -48.31 10.88 -18.70
CA ASP C 232 -49.74 10.79 -18.42
C ASP C 232 -50.52 10.67 -19.73
N GLU C 233 -51.84 10.79 -19.63
CA GLU C 233 -52.69 10.75 -20.81
C GLU C 233 -52.42 11.94 -21.72
N LYS C 234 -52.09 13.07 -21.10
CA LYS C 234 -51.87 14.32 -21.81
C LYS C 234 -50.56 14.33 -22.60
N GLY C 235 -49.64 13.45 -22.22
CA GLY C 235 -48.33 13.37 -22.85
C GLY C 235 -47.22 13.92 -21.97
N ARG C 236 -47.60 14.54 -20.87
CA ARG C 236 -46.66 15.18 -19.94
C ARG C 236 -45.91 14.16 -19.08
N VAL C 237 -44.62 14.37 -18.88
CA VAL C 237 -43.85 13.45 -18.06
C VAL C 237 -44.16 13.69 -16.58
N VAL C 238 -44.68 12.67 -15.91
CA VAL C 238 -44.85 12.75 -14.46
C VAL C 238 -43.83 11.97 -13.63
N ASP C 239 -42.98 11.19 -14.29
CA ASP C 239 -42.00 10.36 -13.59
C ASP C 239 -41.02 9.73 -14.56
N ILE C 240 -40.09 8.95 -14.04
CA ILE C 240 -39.19 8.20 -14.90
C ILE C 240 -38.86 6.84 -14.28
N TYR C 241 -38.82 5.82 -15.13
CA TYR C 241 -38.54 4.46 -14.71
C TYR C 241 -37.24 3.99 -15.38
N SER C 242 -36.23 3.71 -14.57
CA SER C 242 -34.92 3.35 -15.12
C SER C 242 -34.55 1.94 -14.70
N LYS C 243 -33.58 1.36 -15.41
CA LYS C 243 -33.10 0.02 -15.08
C LYS C 243 -32.68 -0.07 -13.62
N PHE C 244 -32.22 1.05 -13.06
CA PHE C 244 -31.83 1.07 -11.66
C PHE C 244 -33.03 0.83 -10.75
N ASP C 245 -34.17 1.40 -11.12
CA ASP C 245 -35.39 1.22 -10.33
C ASP C 245 -35.82 -0.25 -10.30
N VAL C 246 -35.36 -1.01 -11.29
CA VAL C 246 -35.69 -2.43 -11.39
C VAL C 246 -34.96 -3.26 -10.33
N ILE C 247 -33.73 -2.85 -9.99
CA ILE C 247 -32.93 -3.62 -9.04
C ILE C 247 -33.60 -3.66 -7.67
N ASN C 248 -34.50 -2.71 -7.45
CA ASN C 248 -35.31 -2.67 -6.23
C ASN C 248 -36.17 -3.93 -6.07
N LEU C 249 -36.52 -4.55 -7.20
CA LEU C 249 -37.27 -5.81 -7.18
C LEU C 249 -36.45 -6.92 -6.54
N ALA C 250 -35.16 -6.94 -6.82
CA ALA C 250 -34.25 -7.91 -6.22
C ALA C 250 -34.10 -7.61 -4.73
N ALA C 251 -33.99 -6.33 -4.42
CA ALA C 251 -33.82 -5.83 -3.07
C ALA C 251 -34.94 -6.28 -2.13
N GLU C 252 -36.18 -6.03 -2.52
CA GLU C 252 -37.33 -6.33 -1.69
C GLU C 252 -37.90 -7.72 -1.96
N LYS C 253 -37.26 -8.44 -2.89
CA LYS C 253 -37.68 -9.78 -3.29
C LYS C 253 -39.13 -9.79 -3.78
N THR C 254 -39.49 -8.72 -4.47
CA THR C 254 -40.79 -8.53 -5.09
C THR C 254 -40.80 -8.88 -6.58
N TYR C 255 -39.71 -9.45 -7.09
CA TYR C 255 -39.57 -9.76 -8.51
C TYR C 255 -40.62 -10.75 -9.04
N ASN C 256 -41.27 -11.48 -8.14
CA ASN C 256 -42.24 -12.50 -8.55
C ASN C 256 -43.51 -11.89 -9.11
N ASN C 257 -43.82 -10.66 -8.70
CA ASN C 257 -44.99 -9.98 -9.24
C ASN C 257 -44.60 -8.77 -10.09
N LEU C 258 -44.67 -8.97 -11.40
CA LEU C 258 -44.37 -7.94 -12.39
C LEU C 258 -45.64 -7.30 -12.96
N ASP C 259 -46.78 -7.69 -12.42
CA ASP C 259 -48.08 -7.20 -12.91
C ASP C 259 -48.38 -5.77 -12.44
N VAL C 260 -47.77 -5.35 -11.34
CA VAL C 260 -48.00 -4.01 -10.80
C VAL C 260 -47.53 -2.92 -11.75
N SER C 261 -48.12 -1.74 -11.63
CA SER C 261 -47.76 -0.61 -12.48
C SER C 261 -46.41 -0.03 -12.08
N VAL C 262 -45.78 0.69 -13.00
CA VAL C 262 -44.53 1.37 -12.69
C VAL C 262 -44.74 2.39 -11.58
N THR C 263 -45.92 3.00 -11.54
CA THR C 263 -46.24 3.98 -10.51
C THR C 263 -46.15 3.40 -9.11
N LYS C 264 -46.73 2.21 -8.92
CA LYS C 264 -46.67 1.55 -7.64
C LYS C 264 -45.25 1.09 -7.33
N ALA C 265 -44.54 0.64 -8.36
CA ALA C 265 -43.15 0.18 -8.19
C ALA C 265 -42.25 1.33 -7.76
N LEU C 266 -42.50 2.52 -8.30
CA LEU C 266 -41.66 3.69 -8.05
C LEU C 266 -41.92 4.31 -6.69
N GLN C 267 -43.04 3.94 -6.05
CA GLN C 267 -43.32 4.43 -4.70
C GLN C 267 -42.22 3.97 -3.74
N HIS C 268 -41.57 2.88 -4.09
CA HIS C 268 -40.58 2.25 -3.22
C HIS C 268 -39.22 2.95 -3.23
N ARG C 269 -39.04 3.93 -4.11
CA ARG C 269 -37.81 4.71 -4.10
C ARG C 269 -37.72 5.45 -2.78
N SER C 270 -36.54 5.39 -2.16
CA SER C 270 -36.33 5.94 -0.82
C SER C 270 -36.36 7.46 -0.82
N HIS C 271 -35.59 8.06 -1.73
CA HIS C 271 -35.56 9.49 -1.90
C HIS C 271 -36.97 9.99 -2.20
N TYR C 272 -37.48 10.90 -1.36
CA TYR C 272 -38.79 11.48 -1.63
C TYR C 272 -38.67 12.27 -2.92
N PHE C 273 -39.58 12.01 -3.85
CA PHE C 273 -39.39 12.40 -5.24
C PHE C 273 -39.44 13.90 -5.50
N GLU C 274 -38.37 14.43 -6.10
CA GLU C 274 -38.41 15.71 -6.78
C GLU C 274 -39.00 15.46 -8.16
N GLY C 275 -39.60 16.48 -8.77
CA GLY C 275 -40.10 16.35 -10.13
C GLY C 275 -39.02 15.84 -11.05
N VAL C 276 -39.41 15.13 -12.11
CA VAL C 276 -38.45 14.56 -13.04
C VAL C 276 -37.49 15.64 -13.54
N LEU C 277 -36.20 15.33 -13.60
CA LEU C 277 -35.23 16.28 -14.11
C LEU C 277 -35.44 16.50 -15.60
N LYS C 278 -35.58 17.76 -15.98
CA LYS C 278 -35.91 18.12 -17.35
C LYS C 278 -34.98 19.22 -17.87
N CYS C 279 -34.82 19.28 -19.17
CA CYS C 279 -34.10 20.37 -19.82
C CYS C 279 -34.87 20.79 -21.06
N TYR C 280 -34.48 21.92 -21.65
CA TYR C 280 -35.18 22.47 -22.80
C TYR C 280 -34.24 22.55 -23.99
N LEU C 281 -34.81 22.70 -25.18
CA LEU C 281 -34.03 22.74 -26.40
C LEU C 281 -33.22 24.02 -26.55
N HIS C 282 -33.76 25.14 -26.07
CA HIS C 282 -33.08 26.43 -26.20
C HIS C 282 -31.97 26.60 -25.17
N GLU C 283 -31.87 25.66 -24.23
CA GLU C 283 -30.86 25.75 -23.19
C GLU C 283 -29.49 25.31 -23.69
N THR C 284 -28.45 25.96 -23.18
CA THR C 284 -27.07 25.74 -23.62
C THR C 284 -26.51 24.40 -23.14
N LEU C 285 -25.55 23.85 -23.89
CA LEU C 285 -24.92 22.59 -23.52
C LEU C 285 -24.26 22.68 -22.15
N GLU C 286 -23.66 23.84 -21.88
CA GLU C 286 -23.01 24.10 -20.60
C GLU C 286 -23.99 23.95 -19.45
N THR C 287 -25.12 24.65 -19.56
CA THR C 287 -26.21 24.60 -18.58
C THR C 287 -26.59 23.17 -18.25
N ILE C 288 -26.66 22.34 -19.28
CA ILE C 288 -27.14 20.98 -19.15
C ILE C 288 -26.13 20.08 -18.47
N ILE C 289 -24.87 20.17 -18.88
CA ILE C 289 -23.81 19.37 -18.27
C ILE C 289 -23.69 19.67 -16.76
N ASN C 290 -23.89 20.93 -16.39
CA ASN C 290 -23.88 21.29 -14.98
C ASN C 290 -25.02 20.63 -14.24
N ARG C 291 -26.20 20.63 -14.87
CA ARG C 291 -27.39 20.06 -14.26
C ARG C 291 -27.29 18.55 -14.10
N LEU C 292 -26.74 17.89 -15.12
CA LEU C 292 -26.55 16.45 -15.07
C LEU C 292 -25.54 16.03 -14.01
N VAL C 293 -24.38 16.68 -14.03
CA VAL C 293 -23.29 16.30 -13.15
C VAL C 293 -23.65 16.63 -11.69
N GLU C 294 -24.41 17.70 -11.49
CA GLU C 294 -24.87 18.04 -10.15
C GLU C 294 -25.82 17.00 -9.60
N ALA C 295 -26.77 16.58 -10.43
CA ALA C 295 -27.82 15.65 -9.99
C ALA C 295 -27.40 14.19 -9.99
N GLU C 296 -26.32 13.88 -10.72
CA GLU C 296 -25.76 12.53 -10.77
C GLU C 296 -26.66 11.52 -11.51
N VAL C 297 -27.81 11.95 -12.02
CA VAL C 297 -28.64 11.09 -12.87
C VAL C 297 -27.98 10.86 -14.25
N HIS C 298 -28.25 9.71 -14.85
CA HIS C 298 -27.57 9.30 -16.08
C HIS C 298 -28.16 9.95 -17.34
N ARG C 299 -29.32 10.58 -17.21
CA ARG C 299 -29.93 11.22 -18.37
C ARG C 299 -30.93 12.33 -18.01
N LEU C 300 -31.17 13.21 -18.97
CA LEU C 300 -32.14 14.30 -18.81
C LEU C 300 -33.26 14.17 -19.83
N VAL C 301 -34.44 14.64 -19.46
CA VAL C 301 -35.59 14.58 -20.35
C VAL C 301 -35.86 15.94 -20.98
N VAL C 302 -35.71 16.03 -22.30
CA VAL C 302 -35.98 17.29 -23.00
C VAL C 302 -37.47 17.44 -23.18
N VAL C 303 -38.01 18.60 -22.81
CA VAL C 303 -39.46 18.81 -22.90
C VAL C 303 -39.89 20.17 -23.42
N ASP C 304 -41.11 20.20 -23.94
CA ASP C 304 -41.84 21.41 -24.24
C ASP C 304 -42.27 22.08 -22.93
N GLU C 305 -42.66 23.35 -22.99
CA GLU C 305 -43.25 24.02 -21.84
C GLU C 305 -44.42 23.20 -21.30
N ASN C 306 -45.11 22.50 -22.22
CA ASN C 306 -46.23 21.66 -21.87
C ASN C 306 -45.85 20.40 -21.08
N ASP C 307 -44.53 20.17 -20.97
CA ASP C 307 -43.94 18.98 -20.32
C ASP C 307 -44.02 17.74 -21.21
N VAL C 308 -44.61 17.87 -22.39
CA VAL C 308 -44.62 16.81 -23.38
C VAL C 308 -43.19 16.46 -23.81
N VAL C 309 -42.86 15.17 -23.76
CA VAL C 309 -41.48 14.74 -23.98
C VAL C 309 -41.05 14.92 -25.43
N LYS C 310 -40.02 15.74 -25.65
CA LYS C 310 -39.43 15.89 -26.97
C LYS C 310 -38.24 14.96 -27.22
N GLY C 311 -37.66 14.42 -26.17
CA GLY C 311 -36.44 13.63 -26.31
C GLY C 311 -35.62 13.44 -25.05
N ILE C 312 -34.46 12.78 -25.22
CA ILE C 312 -33.59 12.40 -24.10
C ILE C 312 -32.15 12.80 -24.36
N VAL C 313 -31.50 13.38 -23.35
CA VAL C 313 -30.06 13.59 -23.39
C VAL C 313 -29.40 12.74 -22.32
N SER C 314 -28.47 11.88 -22.72
CA SER C 314 -27.80 11.03 -21.77
C SER C 314 -26.32 11.38 -21.65
N LEU C 315 -25.62 10.71 -20.75
CA LEU C 315 -24.20 10.92 -20.59
C LEU C 315 -23.49 10.45 -21.84
N SER C 316 -23.91 9.29 -22.35
CA SER C 316 -23.30 8.70 -23.54
C SER C 316 -23.43 9.63 -24.75
N ASP C 317 -24.51 10.38 -24.82
CA ASP C 317 -24.71 11.36 -25.89
C ASP C 317 -23.70 12.49 -25.78
N ILE C 318 -23.63 13.07 -24.59
CA ILE C 318 -22.75 14.21 -24.32
C ILE C 318 -21.28 13.85 -24.51
N LEU C 319 -20.87 12.70 -24.00
CA LEU C 319 -19.51 12.25 -24.17
C LEU C 319 -19.23 11.98 -25.64
N GLN C 320 -20.22 11.48 -26.38
CA GLN C 320 -20.03 11.24 -27.81
C GLN C 320 -19.85 12.57 -28.54
N ALA C 321 -20.43 13.63 -28.00
CA ALA C 321 -20.24 14.95 -28.55
C ALA C 321 -18.82 15.45 -28.27
N LEU C 322 -18.39 15.35 -27.02
CA LEU C 322 -17.07 15.85 -26.65
C LEU C 322 -15.93 14.93 -27.13
N VAL C 323 -16.23 13.66 -27.40
CA VAL C 323 -15.21 12.73 -27.91
C VAL C 323 -14.93 12.97 -29.38
N LEU C 324 -15.98 13.29 -30.14
CA LEU C 324 -15.85 13.50 -31.57
C LEU C 324 -15.76 14.99 -31.89
N THR C 325 -16.87 15.69 -31.68
CA THR C 325 -16.96 17.12 -31.93
C THR C 325 -15.87 17.89 -31.18
O20 R93 D . 33.58 -2.50 15.20
C18 R93 D . 34.63 -1.94 15.48
N8 R93 D . 34.66 -0.83 16.43
O21 R93 D . 33.35 -0.69 17.05
C30 R93 D . 35.91 -2.41 14.84
C29 R93 D . 36.83 -3.15 15.57
C32 R93 D . 36.50 -3.46 17.03
C28 R93 D . 38.01 -3.59 14.97
C27 R93 D . 38.25 -3.27 13.62
C31 R93 D . 36.15 -2.09 13.50
C26 R93 D . 37.32 -2.52 12.90
O25 R93 D . 37.53 -2.19 11.53
C23 R93 D . 38.18 -0.93 11.33
N21 R93 D . 38.50 -0.47 10.11
C12 R93 D . 39.11 0.77 10.28
C11 R93 D . 39.61 1.70 9.37
C10 R93 D . 40.17 2.89 9.82
CL1 R93 D . 40.78 4.01 8.64
N22 R93 D . 38.57 -0.04 12.26
C13 R93 D . 39.14 1.02 11.64
C14 R93 D . 39.71 2.22 12.10
C7 R93 D . 40.21 3.15 11.20
C2 R93 D . 40.86 4.47 11.71
C21 R93 D . 41.79 4.41 12.70
C3 R93 D . 40.50 5.73 11.20
C4 R93 D . 41.10 6.88 11.69
C5 R93 D . 42.05 6.79 12.69
C6 R93 D . 42.40 5.55 13.20
C34 R93 D . 42.71 8.09 13.23
C9 R93 D . 44.11 8.18 13.25
C35 R93 D . 44.74 9.35 13.73
C33 R93 D . 43.95 10.42 14.18
C8 R93 D . 42.56 10.33 14.16
C1 R93 D . 41.94 9.17 13.68
O23 R93 D . 40.53 9.09 13.67
O4 STU E . 28.04 8.76 18.17
C25 STU E . 27.81 10.04 18.86
C24 STU E . 26.55 9.93 19.75
C23 STU E . 26.11 8.49 19.81
C22 STU E . 25.76 8.09 18.42
C21 STU E . 27.00 7.96 17.61
C26 STU E . 27.51 6.51 17.71
N2 STU E . 26.68 8.29 16.21
C18 STU E . 26.86 9.67 15.85
C19 STU E . 27.30 10.80 16.53
C6 STU E . 27.36 12.05 15.86
C7 STU E . 26.97 12.17 14.50
C10 STU E . 26.56 11.06 13.83
C11 STU E . 26.50 9.81 14.50
C12 STU E . 26.07 8.44 13.99
C17 STU E . 26.20 7.56 15.07
C16 STU E . 25.87 6.22 14.88
C15 STU E . 25.42 5.76 13.67
C14 STU E . 25.29 6.61 12.60
C13 STU E . 25.60 7.97 12.74
C9 STU E . 26.19 11.36 12.38
N1 STU E . 26.43 12.80 12.27
C8 STU E . 26.91 13.30 13.53
O5 STU E . 27.23 14.65 13.77
C5 STU E . 27.84 13.07 16.89
C20 STU E . 28.05 12.37 18.07
C1 STU E . 28.49 13.01 19.22
C2 STU E . 28.74 14.37 19.20
C3 STU E . 28.56 15.10 18.04
C4 STU E . 28.11 14.47 16.87
N3 STU E . 27.70 10.99 17.88
O6 STU E . 24.90 9.13 17.86
C27 STU E . 23.69 8.62 17.24
N4 STU E . 24.96 8.42 20.70
C28 STU E . 24.43 7.08 20.79
P AMP F . -25.30 -2.47 -19.63
O1P AMP F . -23.89 -1.94 -19.77
O2P AMP F . -26.29 -1.79 -20.52
O3P AMP F . -25.74 -2.64 -18.19
O5' AMP F . -25.23 -3.97 -20.15
C5' AMP F . -25.68 -4.33 -21.45
C4' AMP F . -25.30 -5.73 -21.83
O4' AMP F . -23.92 -5.77 -22.22
C3' AMP F . -25.50 -6.80 -20.74
O3' AMP F . -26.07 -7.97 -21.31
C2' AMP F . -24.08 -7.09 -20.25
O2' AMP F . -23.87 -8.44 -19.87
C1' AMP F . -23.20 -6.71 -21.44
N9 AMP F . -21.94 -6.05 -21.05
C8 AMP F . -21.87 -4.92 -20.33
N7 AMP F . -20.58 -4.54 -20.13
C5 AMP F . -19.79 -5.45 -20.75
C6 AMP F . -18.35 -5.66 -20.93
N6 AMP F . -17.44 -4.79 -20.39
N1 AMP F . -17.95 -6.73 -21.63
C2 AMP F . -18.82 -7.60 -22.15
N3 AMP F . -20.16 -7.48 -22.04
C4 AMP F . -20.70 -6.45 -21.35
P AMP G . -29.58 6.25 -13.13
O1P AMP G . -29.45 4.75 -13.00
O2P AMP G . -30.52 6.69 -14.22
O3P AMP G . -28.25 6.97 -13.06
O5' AMP G . -30.37 6.72 -11.83
C5' AMP G . -31.39 5.91 -11.28
C4' AMP G . -32.18 6.65 -10.22
O4' AMP G . -32.24 8.05 -10.58
C3' AMP G . -33.62 6.19 -10.04
O3' AMP G . -34.03 6.41 -8.69
C2' AMP G . -34.38 7.13 -10.97
O2' AMP G . -35.75 7.30 -10.65
C1' AMP G . -33.58 8.43 -10.82
N9 AMP G . -33.58 9.25 -12.02
C8 AMP G . -32.83 9.02 -13.12
N7 AMP G . -33.05 9.95 -14.08
C5 AMP G . -33.97 10.82 -13.59
C6 AMP G . -34.64 12.03 -14.07
N6 AMP G . -34.38 12.53 -15.31
N1 AMP G . -35.54 12.64 -13.25
C2 AMP G . -35.80 12.15 -12.02
N3 AMP G . -35.23 11.05 -11.52
C4 AMP G . -34.32 10.34 -12.24
P AMP H . -28.36 5.29 -22.42
O1P AMP H . -26.88 5.10 -22.27
O2P AMP H . -28.97 6.34 -21.52
O3P AMP H . -29.15 3.99 -22.53
O5' AMP H . -28.53 5.94 -23.86
C5' AMP H . -28.02 5.30 -25.02
C4' AMP H . -28.63 5.89 -26.26
O4' AMP H . -30.06 5.69 -26.19
C3' AMP H . -28.41 7.39 -26.45
O3' AMP H . -28.31 7.69 -27.83
C2' AMP H . -29.70 7.99 -25.88
O2' AMP H . -30.03 9.26 -26.41
C1' AMP H . -30.73 6.94 -26.27
N9 AMP H . -31.87 6.88 -25.35
C8 AMP H . -31.82 6.92 -24.01
N7 AMP H . -33.07 6.84 -23.46
C5 AMP H . -33.94 6.77 -24.48
C6 AMP H . -35.41 6.67 -24.62
N6 AMP H . -36.23 6.65 -23.55
N1 AMP H . -35.92 6.61 -25.88
C2 AMP H . -35.13 6.64 -26.96
N3 AMP H . -33.79 6.73 -26.92
C4 AMP H . -33.15 6.80 -25.73
#